data_9MHD
#
_entry.id   9MHD
#
_cell.length_a   1.00
_cell.length_b   1.00
_cell.length_c   1.00
_cell.angle_alpha   90.00
_cell.angle_beta   90.00
_cell.angle_gamma   90.00
#
_symmetry.space_group_name_H-M   'P 1'
#
loop_
_entity.id
_entity.type
_entity.pdbx_description
1 polymer 'Transport permease protein'
2 polymer 'Teichoic acids export ATP-binding protein TagH'
3 non-polymer 'Lauryl Maltose Neopentyl Glycol'
4 non-polymer 'PHOSPHOTHIOPHOSPHORIC ACID-ADENYLATE ESTER'
5 non-polymer 'MAGNESIUM ION'
6 water water
#
loop_
_entity_poly.entity_id
_entity_poly.type
_entity_poly.pdbx_seq_one_letter_code
_entity_poly.pdbx_strand_id
1 'polypeptide(L)'
;MGSSHHHHHHHHHHSSGLVPRGSHMSAIGTVFKEHVKNFYLIQRLAQFQVKIINHSNYLGVAWELINPVMQIMVYWMVFG
LGIRSNAPIHGVPFVYWLLVGISMWFFINQGILEGTKAITQKFNQVSKMNFPLSIIPTYIVTSRFYGHLGLLLLVIIACM
FTGIYPSIHIIQLLIYVPFCFFLTASVTLLTSTLGVLVRDTQMLMQAILRILFYFSPILWLPKNHGISGLIHEMMKYNPV
YFIAESYRAAILYHEWYFMDHWKLMLYNFGIVAIFFAIGAYLHMKYRDQFADFL
;
A,C
2 'polypeptide(L)'
;MNVSVNIKNVTKEYRIYRTNKERMKDALIPKHKNKTFFALDDISLKAYEGDVIGLVGINGSGKSTLSNIIGGSLSPTVGK
VDRNGEVSVIAISAGLSGQLTGIENIEFKMLCMGFKRKEIKAMTPKIIEFSELGEFIYQPVKKYSSGMRAKLGFSINITV
NPDILVIDEALSVGDQTFAQKCLDKIYEFKEQNKTIFFVSHNLGQVRQFCTKIAWIEGGKLKDYGELDDVLPKYEAFLND
FKKKSKAEQKEFRNKLDESRFVIK
;
B,D
#
loop_
_chem_comp.id
_chem_comp.type
_chem_comp.name
_chem_comp.formula
AGS non-polymer 'PHOSPHOTHIOPHOSPHORIC ACID-ADENYLATE ESTER' 'C10 H16 N5 O12 P3 S'
AV0 non-polymer 'Lauryl Maltose Neopentyl Glycol' 'C47 H88 O22'
MG non-polymer 'MAGNESIUM ION' 'Mg 2'
#
# COMPACT_ATOMS: atom_id res chain seq x y z
N MET A 25 18.46 -31.22 6.39
CA MET A 25 17.32 -32.08 6.64
C MET A 25 16.42 -31.50 7.72
N SER A 26 16.98 -30.63 8.56
CA SER A 26 16.17 -29.96 9.57
C SER A 26 15.25 -28.92 8.96
N ALA A 27 15.66 -28.33 7.83
CA ALA A 27 14.82 -27.32 7.17
C ALA A 27 13.51 -27.92 6.69
N ILE A 28 13.59 -29.08 6.02
CA ILE A 28 12.39 -29.74 5.52
C ILE A 28 11.48 -30.12 6.68
N GLY A 29 12.05 -30.68 7.74
CA GLY A 29 11.26 -31.05 8.90
C GLY A 29 10.55 -29.86 9.52
N THR A 30 11.26 -28.74 9.66
CA THR A 30 10.67 -27.56 10.28
C THR A 30 9.52 -27.01 9.44
N VAL A 31 9.74 -26.88 8.13
CA VAL A 31 8.69 -26.33 7.26
C VAL A 31 7.48 -27.28 7.21
N PHE A 32 7.75 -28.58 7.10
CA PHE A 32 6.66 -29.56 7.07
C PHE A 32 5.84 -29.52 8.36
N LYS A 33 6.52 -29.46 9.51
CA LYS A 33 5.82 -29.39 10.79
C LYS A 33 4.97 -28.13 10.87
N GLU A 34 5.53 -26.98 10.47
CA GLU A 34 4.78 -25.74 10.53
C GLU A 34 3.50 -25.82 9.70
N HIS A 35 3.61 -26.35 8.47
CA HIS A 35 2.43 -26.41 7.61
C HIS A 35 1.39 -27.38 8.15
N VAL A 36 1.83 -28.58 8.57
CA VAL A 36 0.86 -29.57 9.03
C VAL A 36 0.23 -29.18 10.35
N LYS A 37 0.86 -28.30 11.13
CA LYS A 37 0.21 -27.81 12.34
C LYS A 37 -0.65 -26.57 12.10
N ASN A 38 -0.38 -25.77 11.07
CA ASN A 38 -1.11 -24.53 10.85
C ASN A 38 -2.00 -24.56 9.61
N PHE A 39 -2.35 -25.76 9.14
CA PHE A 39 -3.43 -25.92 8.15
C PHE A 39 -4.64 -25.01 8.38
N TYR A 40 -5.23 -25.08 9.59
CA TYR A 40 -6.46 -24.33 9.84
C TYR A 40 -6.22 -22.83 9.79
N LEU A 41 -5.10 -22.37 10.36
CA LEU A 41 -4.76 -20.96 10.28
C LEU A 41 -4.59 -20.52 8.83
N ILE A 42 -3.99 -21.38 8.01
CA ILE A 42 -3.84 -21.09 6.59
C ILE A 42 -5.19 -20.86 5.94
N GLN A 43 -6.14 -21.76 6.20
CA GLN A 43 -7.47 -21.63 5.59
C GLN A 43 -8.16 -20.35 6.05
N ARG A 44 -8.11 -20.06 7.36
CA ARG A 44 -8.80 -18.89 7.88
C ARG A 44 -8.21 -17.60 7.32
N LEU A 45 -6.88 -17.50 7.29
CA LEU A 45 -6.24 -16.31 6.75
C LEU A 45 -6.50 -16.16 5.26
N ALA A 46 -6.58 -17.27 4.52
CA ALA A 46 -6.92 -17.19 3.11
C ALA A 46 -8.32 -16.63 2.91
N GLN A 47 -9.28 -17.08 3.71
CA GLN A 47 -10.64 -16.54 3.62
C GLN A 47 -10.65 -15.04 3.94
N PHE A 48 -9.92 -14.64 4.98
CA PHE A 48 -9.87 -13.23 5.33
C PHE A 48 -9.25 -12.39 4.21
N GLN A 49 -8.19 -12.89 3.57
CA GLN A 49 -7.60 -12.15 2.47
C GLN A 49 -8.55 -12.04 1.29
N VAL A 50 -9.28 -13.11 0.97
CA VAL A 50 -10.27 -13.05 -0.10
C VAL A 50 -11.31 -11.98 0.21
N LYS A 51 -11.74 -11.90 1.48
CA LYS A 51 -12.69 -10.87 1.88
C LYS A 51 -12.09 -9.47 1.74
N ILE A 52 -10.81 -9.32 2.09
CA ILE A 52 -10.16 -8.01 2.04
C ILE A 52 -10.06 -7.50 0.62
N ILE A 53 -9.68 -8.38 -0.32
CA ILE A 53 -9.35 -7.93 -1.67
C ILE A 53 -10.55 -7.30 -2.36
N ASN A 54 -11.72 -7.92 -2.25
CA ASN A 54 -12.92 -7.50 -2.98
C ASN A 54 -13.91 -6.73 -2.10
N HIS A 55 -13.41 -5.86 -1.21
CA HIS A 55 -14.30 -5.22 -0.25
C HIS A 55 -15.18 -4.16 -0.91
N SER A 56 -14.60 -3.32 -1.76
CA SER A 56 -15.31 -2.14 -2.24
C SER A 56 -16.18 -2.42 -3.46
N ASN A 57 -16.06 -3.58 -4.09
CA ASN A 57 -16.86 -3.87 -5.28
C ASN A 57 -18.32 -4.10 -4.90
N TYR A 58 -19.23 -3.63 -5.75
CA TYR A 58 -20.65 -3.85 -5.52
C TYR A 58 -21.00 -5.33 -5.58
N LEU A 59 -20.42 -6.06 -6.54
CA LEU A 59 -20.72 -7.48 -6.70
C LEU A 59 -20.00 -8.35 -5.69
N GLY A 60 -18.94 -7.85 -5.05
CA GLY A 60 -18.28 -8.59 -4.00
C GLY A 60 -17.31 -9.61 -4.53
N VAL A 61 -17.43 -10.86 -4.06
CA VAL A 61 -16.50 -11.92 -4.44
C VAL A 61 -16.82 -12.56 -5.77
N ALA A 62 -17.89 -12.12 -6.44
CA ALA A 62 -18.24 -12.68 -7.74
C ALA A 62 -17.20 -12.36 -8.81
N TRP A 63 -16.36 -11.36 -8.59
CA TRP A 63 -15.38 -10.99 -9.61
C TRP A 63 -14.31 -12.04 -9.78
N GLU A 64 -14.03 -12.82 -8.73
CA GLU A 64 -13.06 -13.91 -8.81
C GLU A 64 -13.45 -14.93 -9.87
N LEU A 65 -14.73 -15.02 -10.21
CA LEU A 65 -15.19 -15.86 -11.30
C LEU A 65 -15.56 -15.07 -12.55
N ILE A 66 -15.95 -13.80 -12.40
CA ILE A 66 -16.33 -13.02 -13.57
C ILE A 66 -15.12 -12.69 -14.44
N ASN A 67 -14.00 -12.31 -13.83
CA ASN A 67 -12.83 -11.92 -14.61
C ASN A 67 -12.27 -13.05 -15.48
N PRO A 68 -12.02 -14.26 -14.95
CA PRO A 68 -11.54 -15.33 -15.83
C PRO A 68 -12.47 -15.66 -16.98
N VAL A 69 -13.78 -15.55 -16.79
CA VAL A 69 -14.72 -15.84 -17.87
C VAL A 69 -14.54 -14.85 -19.02
N MET A 70 -14.42 -13.56 -18.69
CA MET A 70 -14.21 -12.56 -19.74
C MET A 70 -12.87 -12.76 -20.44
N GLN A 71 -11.82 -13.08 -19.68
CA GLN A 71 -10.52 -13.32 -20.30
C GLN A 71 -10.57 -14.54 -21.22
N ILE A 72 -11.28 -15.59 -20.81
CA ILE A 72 -11.42 -16.78 -21.64
C ILE A 72 -12.22 -16.47 -22.90
N MET A 73 -13.25 -15.63 -22.78
CA MET A 73 -14.01 -15.22 -23.96
C MET A 73 -13.11 -14.50 -24.96
N VAL A 74 -12.28 -13.58 -24.48
CA VAL A 74 -11.37 -12.87 -25.37
C VAL A 74 -10.39 -13.84 -26.02
N TYR A 75 -9.83 -14.76 -25.23
CA TYR A 75 -8.86 -15.72 -25.77
C TYR A 75 -9.49 -16.61 -26.82
N TRP A 76 -10.73 -17.04 -26.60
CA TRP A 76 -11.40 -17.88 -27.60
C TRP A 76 -11.72 -17.08 -28.86
N MET A 77 -12.10 -15.81 -28.71
CA MET A 77 -12.37 -14.97 -29.87
C MET A 77 -11.11 -14.79 -30.72
N VAL A 78 -9.96 -14.63 -30.08
CA VAL A 78 -8.73 -14.38 -30.83
C VAL A 78 -8.14 -15.68 -31.38
N PHE A 79 -7.86 -16.64 -30.51
CA PHE A 79 -7.14 -17.85 -30.89
C PHE A 79 -8.03 -18.98 -31.39
N GLY A 80 -9.35 -18.82 -31.32
CA GLY A 80 -10.25 -19.87 -31.74
C GLY A 80 -10.92 -19.61 -33.07
N LEU A 81 -11.36 -18.37 -33.29
CA LEU A 81 -12.03 -18.00 -34.53
C LEU A 81 -11.08 -17.46 -35.58
N GLY A 82 -10.01 -16.78 -35.17
CA GLY A 82 -9.07 -16.21 -36.11
C GLY A 82 -8.10 -17.22 -36.70
N ILE A 83 -7.38 -17.94 -35.83
CA ILE A 83 -6.33 -18.83 -36.31
C ILE A 83 -6.89 -20.04 -37.03
N ARG A 84 -7.93 -20.67 -36.46
CA ARG A 84 -8.42 -21.94 -36.98
C ARG A 84 -9.91 -21.96 -37.32
N SER A 85 -10.63 -20.85 -37.11
CA SER A 85 -12.06 -20.77 -37.40
C SER A 85 -12.86 -21.85 -36.66
N ASN A 86 -12.47 -22.10 -35.40
CA ASN A 86 -13.21 -22.98 -34.50
C ASN A 86 -13.31 -24.41 -35.05
N ALA A 87 -12.20 -24.92 -35.58
CA ALA A 87 -12.18 -26.31 -36.01
C ALA A 87 -12.05 -27.23 -34.80
N PRO A 88 -12.79 -28.33 -34.78
CA PRO A 88 -12.70 -29.25 -33.63
C PRO A 88 -11.35 -29.92 -33.55
N ILE A 89 -10.95 -30.26 -32.33
CA ILE A 89 -9.69 -30.96 -32.05
C ILE A 89 -10.02 -32.30 -31.40
N HIS A 90 -9.55 -33.39 -32.01
CA HIS A 90 -9.74 -34.75 -31.50
C HIS A 90 -11.23 -35.10 -31.36
N GLY A 91 -12.08 -34.49 -32.16
CA GLY A 91 -13.50 -34.73 -32.10
C GLY A 91 -14.25 -33.89 -31.08
N VAL A 92 -13.56 -33.10 -30.28
CA VAL A 92 -14.20 -32.24 -29.28
C VAL A 92 -14.25 -30.82 -29.83
N PRO A 93 -15.33 -30.08 -29.63
CA PRO A 93 -15.34 -28.68 -30.06
C PRO A 93 -14.24 -27.88 -29.38
N PHE A 94 -13.67 -26.94 -30.11
CA PHE A 94 -12.50 -26.21 -29.62
C PHE A 94 -12.82 -25.42 -28.37
N VAL A 95 -14.06 -24.97 -28.20
CA VAL A 95 -14.41 -24.13 -27.06
C VAL A 95 -14.20 -24.89 -25.76
N TYR A 96 -14.69 -26.14 -25.69
CA TYR A 96 -14.52 -26.94 -24.48
C TYR A 96 -13.08 -27.39 -24.30
N TRP A 97 -12.38 -27.67 -25.39
CA TRP A 97 -10.97 -28.01 -25.32
C TRP A 97 -10.17 -26.88 -24.66
N LEU A 98 -10.37 -25.65 -25.12
CA LEU A 98 -9.72 -24.49 -24.51
C LEU A 98 -10.19 -24.30 -23.08
N LEU A 99 -11.49 -24.46 -22.82
CA LEU A 99 -12.03 -24.25 -21.49
C LEU A 99 -11.36 -25.16 -20.47
N VAL A 100 -11.23 -26.44 -20.80
CA VAL A 100 -10.56 -27.38 -19.90
C VAL A 100 -9.07 -27.07 -19.81
N GLY A 101 -8.46 -26.68 -20.94
CA GLY A 101 -7.03 -26.42 -20.93
C GLY A 101 -6.62 -25.20 -20.13
N ILE A 102 -7.43 -24.15 -20.16
CA ILE A 102 -7.04 -22.85 -19.62
C ILE A 102 -7.61 -22.59 -18.24
N SER A 103 -8.41 -23.51 -17.69
CA SER A 103 -9.03 -23.28 -16.39
C SER A 103 -8.02 -23.18 -15.26
N MET A 104 -6.78 -23.63 -15.49
CA MET A 104 -5.77 -23.66 -14.44
C MET A 104 -4.80 -22.49 -14.50
N TRP A 105 -4.68 -21.82 -15.65
CA TRP A 105 -3.60 -20.85 -15.84
C TRP A 105 -3.74 -19.65 -14.92
N PHE A 106 -4.97 -19.17 -14.71
CA PHE A 106 -5.16 -17.98 -13.89
C PHE A 106 -4.68 -18.22 -12.46
N PHE A 107 -4.97 -19.38 -11.91
CA PHE A 107 -4.51 -19.72 -10.57
C PHE A 107 -3.00 -19.67 -10.48
N ILE A 108 -2.31 -20.34 -11.40
CA ILE A 108 -0.84 -20.38 -11.36
C ILE A 108 -0.26 -19.00 -11.51
N ASN A 109 -0.76 -18.24 -12.49
CA ASN A 109 -0.22 -16.90 -12.76
C ASN A 109 -0.40 -15.99 -11.56
N GLN A 110 -1.63 -15.90 -11.03
CA GLN A 110 -1.88 -15.00 -9.91
C GLN A 110 -1.14 -15.45 -8.66
N GLY A 111 -1.08 -16.75 -8.39
CA GLY A 111 -0.39 -17.22 -7.20
C GLY A 111 1.09 -16.92 -7.25
N ILE A 112 1.73 -17.20 -8.39
CA ILE A 112 3.16 -16.96 -8.50
C ILE A 112 3.46 -15.46 -8.47
N LEU A 113 2.61 -14.65 -9.09
CA LEU A 113 2.85 -13.21 -9.10
C LEU A 113 2.67 -12.60 -7.71
N GLU A 114 1.56 -12.91 -7.04
CA GLU A 114 1.23 -12.26 -5.78
C GLU A 114 2.04 -12.82 -4.62
N GLY A 115 2.30 -14.13 -4.61
CA GLY A 115 3.02 -14.70 -3.49
C GLY A 115 4.50 -14.41 -3.46
N THR A 116 5.05 -13.87 -4.54
CA THR A 116 6.46 -13.49 -4.52
C THR A 116 6.70 -12.28 -3.64
N LYS A 117 5.71 -11.40 -3.51
CA LYS A 117 5.79 -10.23 -2.65
C LYS A 117 5.10 -10.44 -1.31
N ALA A 118 4.79 -11.68 -0.94
CA ALA A 118 4.03 -11.93 0.29
C ALA A 118 4.83 -11.53 1.52
N ILE A 119 6.07 -12.01 1.62
CA ILE A 119 6.86 -11.76 2.81
C ILE A 119 7.23 -10.29 2.92
N THR A 120 7.51 -9.64 1.78
CA THR A 120 7.88 -8.23 1.79
C THR A 120 6.77 -7.36 2.37
N GLN A 121 5.51 -7.64 2.00
CA GLN A 121 4.41 -6.80 2.43
C GLN A 121 3.87 -7.20 3.80
N LYS A 122 3.88 -8.49 4.11
CA LYS A 122 3.19 -8.99 5.30
C LYS A 122 4.13 -9.26 6.48
N PHE A 123 5.40 -8.89 6.38
CA PHE A 123 6.33 -9.13 7.48
C PHE A 123 6.14 -8.16 8.63
N ASN A 124 5.79 -6.91 8.33
CA ASN A 124 5.72 -5.88 9.38
C ASN A 124 4.66 -6.22 10.41
N GLN A 125 3.49 -6.68 9.96
CA GLN A 125 2.38 -6.94 10.90
C GLN A 125 2.72 -8.06 11.86
N VAL A 126 3.36 -9.13 11.37
CA VAL A 126 3.59 -10.32 12.18
C VAL A 126 5.04 -10.43 12.65
N SER A 127 5.83 -9.38 12.49
CA SER A 127 7.23 -9.43 12.93
C SER A 127 7.34 -9.56 14.43
N LYS A 128 6.52 -8.82 15.17
CA LYS A 128 6.60 -8.77 16.63
C LYS A 128 5.70 -9.78 17.32
N MET A 129 5.00 -10.63 16.57
CA MET A 129 4.21 -11.72 17.12
C MET A 129 4.87 -13.04 16.77
N ASN A 130 4.83 -14.00 17.70
CA ASN A 130 5.37 -15.33 17.44
C ASN A 130 4.54 -16.02 16.37
N PHE A 131 5.08 -16.09 15.15
CA PHE A 131 4.35 -16.56 13.98
C PHE A 131 5.23 -17.49 13.17
N PRO A 132 4.66 -18.58 12.64
CA PRO A 132 5.42 -19.41 11.69
C PRO A 132 5.56 -18.70 10.35
N LEU A 133 6.76 -18.20 10.06
CA LEU A 133 6.95 -17.32 8.92
C LEU A 133 6.90 -18.04 7.57
N SER A 134 6.91 -19.37 7.56
CA SER A 134 6.94 -20.10 6.31
C SER A 134 5.58 -20.32 5.69
N ILE A 135 4.50 -19.91 6.36
CA ILE A 135 3.15 -20.12 5.85
C ILE A 135 2.55 -18.87 5.24
N ILE A 136 3.31 -17.78 5.15
CA ILE A 136 2.78 -16.55 4.57
C ILE A 136 2.42 -16.71 3.09
N PRO A 137 3.29 -17.25 2.22
CA PRO A 137 2.88 -17.43 0.82
C PRO A 137 1.78 -18.45 0.61
N THR A 138 1.66 -19.44 1.50
CA THR A 138 0.73 -20.55 1.26
C THR A 138 -0.72 -20.07 1.28
N TYR A 139 -1.08 -19.20 2.21
CA TYR A 139 -2.46 -18.72 2.23
C TYR A 139 -2.73 -17.71 1.13
N ILE A 140 -1.70 -16.97 0.68
CA ILE A 140 -1.83 -16.17 -0.53
C ILE A 140 -2.18 -17.05 -1.71
N VAL A 141 -1.56 -18.22 -1.81
CA VAL A 141 -1.87 -19.15 -2.90
C VAL A 141 -3.26 -19.75 -2.73
N THR A 142 -3.65 -20.06 -1.49
CA THR A 142 -4.97 -20.65 -1.25
C THR A 142 -6.09 -19.68 -1.65
N SER A 143 -5.86 -18.39 -1.44
CA SER A 143 -6.87 -17.39 -1.81
C SER A 143 -7.20 -17.43 -3.30
N ARG A 144 -6.30 -17.97 -4.13
CA ARG A 144 -6.58 -18.18 -5.55
C ARG A 144 -7.01 -19.61 -5.86
N PHE A 145 -6.55 -20.56 -5.06
CA PHE A 145 -7.02 -21.95 -5.20
C PHE A 145 -8.53 -22.03 -5.06
N TYR A 146 -9.12 -21.19 -4.20
CA TYR A 146 -10.58 -21.18 -4.08
C TYR A 146 -11.26 -20.89 -5.43
N GLY A 147 -10.83 -19.82 -6.09
CA GLY A 147 -11.41 -19.48 -7.38
C GLY A 147 -11.12 -20.53 -8.43
N HIS A 148 -9.95 -21.16 -8.37
CA HIS A 148 -9.65 -22.25 -9.30
C HIS A 148 -10.65 -23.40 -9.13
N LEU A 149 -10.94 -23.77 -7.89
CA LEU A 149 -11.91 -24.84 -7.64
C LEU A 149 -13.29 -24.47 -8.19
N GLY A 150 -13.72 -23.23 -7.95
CA GLY A 150 -15.01 -22.80 -8.49
C GLY A 150 -15.05 -22.88 -10.00
N LEU A 151 -14.00 -22.42 -10.67
CA LEU A 151 -13.95 -22.47 -12.13
C LEU A 151 -13.95 -23.89 -12.64
N LEU A 152 -13.23 -24.80 -11.96
CA LEU A 152 -13.23 -26.20 -12.37
C LEU A 152 -14.61 -26.81 -12.28
N LEU A 153 -15.34 -26.52 -11.20
CA LEU A 153 -16.71 -27.03 -11.09
C LEU A 153 -17.59 -26.49 -12.21
N LEU A 154 -17.47 -25.20 -12.51
CA LEU A 154 -18.27 -24.63 -13.59
C LEU A 154 -17.94 -25.29 -14.94
N VAL A 155 -16.66 -25.53 -15.20
CA VAL A 155 -16.24 -26.15 -16.46
C VAL A 155 -16.80 -27.56 -16.57
N ILE A 156 -16.75 -28.33 -15.48
CA ILE A 156 -17.28 -29.68 -15.51
C ILE A 156 -18.78 -29.67 -15.79
N ILE A 157 -19.51 -28.74 -15.15
CA ILE A 157 -20.96 -28.67 -15.39
C ILE A 157 -21.25 -28.31 -16.84
N ALA A 158 -20.49 -27.37 -17.41
CA ALA A 158 -20.70 -27.00 -18.82
C ALA A 158 -20.43 -28.17 -19.75
N CYS A 159 -19.34 -28.90 -19.51
CA CYS A 159 -19.03 -30.07 -20.33
C CYS A 159 -20.12 -31.11 -20.23
N MET A 160 -20.68 -31.29 -19.03
CA MET A 160 -21.81 -32.20 -18.87
C MET A 160 -23.01 -31.71 -19.69
N PHE A 161 -23.27 -30.41 -19.69
CA PHE A 161 -24.34 -29.86 -20.51
C PHE A 161 -24.11 -30.12 -21.99
N THR A 162 -22.85 -30.17 -22.42
CA THR A 162 -22.57 -30.44 -23.83
C THR A 162 -23.08 -31.81 -24.26
N GLY A 163 -22.85 -32.83 -23.44
CA GLY A 163 -23.16 -34.19 -23.82
C GLY A 163 -22.03 -35.15 -23.47
N ILE A 164 -21.02 -34.64 -22.77
CA ILE A 164 -19.90 -35.44 -22.29
C ILE A 164 -20.07 -35.62 -20.80
N TYR A 165 -20.23 -36.87 -20.36
CA TYR A 165 -20.57 -37.13 -18.97
C TYR A 165 -19.42 -37.80 -18.24
N PRO A 166 -19.31 -37.59 -16.93
CA PRO A 166 -18.18 -38.16 -16.18
C PRO A 166 -18.20 -39.67 -16.16
N SER A 167 -17.01 -40.26 -16.06
CA SER A 167 -16.85 -41.70 -15.94
C SER A 167 -15.93 -42.03 -14.78
N ILE A 168 -15.50 -43.29 -14.67
CA ILE A 168 -14.62 -43.69 -13.58
C ILE A 168 -13.26 -43.01 -13.67
N HIS A 169 -12.93 -42.42 -14.83
CA HIS A 169 -11.65 -41.76 -15.01
C HIS A 169 -11.60 -40.37 -14.38
N ILE A 170 -12.73 -39.87 -13.85
CA ILE A 170 -12.74 -38.56 -13.22
C ILE A 170 -12.04 -38.58 -11.87
N ILE A 171 -11.83 -39.76 -11.28
CA ILE A 171 -11.20 -39.85 -9.97
C ILE A 171 -9.70 -39.56 -10.01
N GLN A 172 -9.12 -39.38 -11.21
CA GLN A 172 -7.73 -38.97 -11.30
C GLN A 172 -7.52 -37.54 -10.84
N LEU A 173 -8.59 -36.76 -10.72
CA LEU A 173 -8.45 -35.39 -10.26
C LEU A 173 -7.95 -35.32 -8.83
N LEU A 174 -8.33 -36.30 -7.99
CA LEU A 174 -7.87 -36.32 -6.61
C LEU A 174 -6.35 -36.40 -6.52
N ILE A 175 -5.68 -36.90 -7.55
CA ILE A 175 -4.23 -36.93 -7.61
C ILE A 175 -3.67 -35.74 -8.38
N TYR A 176 -4.37 -35.30 -9.43
CA TYR A 176 -3.79 -34.28 -10.30
C TYR A 176 -3.96 -32.86 -9.74
N VAL A 177 -5.10 -32.55 -9.15
CA VAL A 177 -5.38 -31.19 -8.66
C VAL A 177 -4.43 -30.80 -7.53
N PRO A 178 -4.17 -31.64 -6.52
CA PRO A 178 -3.18 -31.25 -5.50
C PRO A 178 -1.79 -31.00 -6.05
N PHE A 179 -1.43 -31.64 -7.16
CA PHE A 179 -0.09 -31.45 -7.73
C PHE A 179 0.11 -30.01 -8.18
N CYS A 180 -0.90 -29.41 -8.81
CA CYS A 180 -0.79 -28.01 -9.21
C CYS A 180 -0.57 -27.10 -8.02
N PHE A 181 -1.33 -27.33 -6.94
CA PHE A 181 -1.18 -26.52 -5.74
C PHE A 181 0.21 -26.68 -5.13
N PHE A 182 0.72 -27.91 -5.09
CA PHE A 182 2.05 -28.13 -4.51
C PHE A 182 3.14 -27.48 -5.36
N LEU A 183 3.02 -27.57 -6.68
CA LEU A 183 3.98 -26.89 -7.55
C LEU A 183 3.98 -25.39 -7.32
N THR A 184 2.79 -24.78 -7.32
CA THR A 184 2.70 -23.35 -7.11
C THR A 184 3.25 -22.94 -5.75
N ALA A 185 2.92 -23.73 -4.71
CA ALA A 185 3.38 -23.41 -3.37
C ALA A 185 4.90 -23.48 -3.26
N SER A 186 5.52 -24.51 -3.85
CA SER A 186 6.98 -24.61 -3.78
C SER A 186 7.66 -23.48 -4.55
N VAL A 187 7.17 -23.18 -5.76
CA VAL A 187 7.77 -22.09 -6.53
C VAL A 187 7.65 -20.77 -5.77
N THR A 188 6.48 -20.52 -5.20
CA THR A 188 6.29 -19.29 -4.43
C THR A 188 7.16 -19.27 -3.18
N LEU A 189 7.34 -20.43 -2.54
CA LEU A 189 8.19 -20.49 -1.35
C LEU A 189 9.61 -20.10 -1.66
N LEU A 190 10.13 -20.53 -2.81
CA LEU A 190 11.48 -20.10 -3.20
C LEU A 190 11.51 -18.62 -3.58
N THR A 191 10.54 -18.19 -4.41
CA THR A 191 10.62 -16.85 -4.97
C THR A 191 10.36 -15.77 -3.94
N SER A 192 9.63 -16.08 -2.86
CA SER A 192 9.40 -15.06 -1.83
C SER A 192 10.72 -14.69 -1.13
N THR A 193 11.48 -15.70 -0.73
CA THR A 193 12.79 -15.44 -0.13
C THR A 193 13.73 -14.75 -1.12
N LEU A 194 13.73 -15.22 -2.37
CA LEU A 194 14.61 -14.57 -3.36
C LEU A 194 14.24 -13.11 -3.55
N GLY A 195 12.94 -12.80 -3.63
CA GLY A 195 12.51 -11.42 -3.77
C GLY A 195 12.81 -10.56 -2.57
N VAL A 196 12.73 -11.14 -1.37
CA VAL A 196 13.08 -10.39 -0.16
C VAL A 196 14.55 -10.03 -0.16
N LEU A 197 15.42 -11.00 -0.48
CA LEU A 197 16.85 -10.71 -0.48
C LEU A 197 17.22 -9.72 -1.59
N VAL A 198 16.80 -9.98 -2.81
CA VAL A 198 17.07 -9.11 -3.96
C VAL A 198 15.74 -8.75 -4.62
N ARG A 199 15.53 -7.47 -4.87
CA ARG A 199 14.24 -6.98 -5.35
C ARG A 199 14.11 -6.99 -6.87
N ASP A 200 15.13 -7.43 -7.60
CA ASP A 200 15.04 -7.52 -9.06
C ASP A 200 14.26 -8.74 -9.53
N THR A 201 14.15 -9.77 -8.68
CA THR A 201 13.45 -10.99 -9.06
C THR A 201 11.97 -10.73 -9.33
N GLN A 202 11.36 -9.85 -8.53
CA GLN A 202 9.95 -9.55 -8.71
C GLN A 202 9.69 -8.91 -10.06
N MET A 203 10.63 -8.11 -10.56
CA MET A 203 10.51 -7.56 -11.90
C MET A 203 10.83 -8.58 -12.97
N LEU A 204 11.75 -9.51 -12.68
CA LEU A 204 12.15 -10.50 -13.67
C LEU A 204 11.11 -11.60 -13.89
N MET A 205 10.20 -11.82 -12.94
CA MET A 205 9.27 -12.94 -13.03
C MET A 205 8.30 -12.83 -14.22
N GLN A 206 8.02 -11.61 -14.70
CA GLN A 206 6.97 -11.45 -15.71
C GLN A 206 7.31 -12.14 -17.03
N ALA A 207 8.54 -11.97 -17.50
CA ALA A 207 8.95 -12.59 -18.76
C ALA A 207 8.92 -14.11 -18.65
N ILE A 208 9.34 -14.66 -17.51
CA ILE A 208 9.30 -16.10 -17.31
C ILE A 208 7.87 -16.60 -17.33
N LEU A 209 6.95 -15.87 -16.70
CA LEU A 209 5.55 -16.28 -16.73
C LEU A 209 5.00 -16.26 -18.15
N ARG A 210 5.37 -15.25 -18.93
CA ARG A 210 4.92 -15.20 -20.33
C ARG A 210 5.48 -16.38 -21.13
N ILE A 211 6.75 -16.72 -20.90
CA ILE A 211 7.36 -17.87 -21.58
C ILE A 211 6.61 -19.14 -21.23
N LEU A 212 6.29 -19.32 -19.96
CA LEU A 212 5.54 -20.51 -19.55
C LEU A 212 4.15 -20.55 -20.18
N PHE A 213 3.52 -19.39 -20.32
CA PHE A 213 2.18 -19.35 -20.92
C PHE A 213 2.23 -19.75 -22.39
N TYR A 214 3.11 -19.12 -23.18
CA TYR A 214 3.03 -19.30 -24.62
C TYR A 214 3.60 -20.64 -25.09
N PHE A 215 4.53 -21.22 -24.35
CA PHE A 215 5.11 -22.51 -24.73
C PHE A 215 4.40 -23.64 -23.99
N SER A 216 3.13 -23.80 -24.33
CA SER A 216 2.27 -24.79 -23.69
C SER A 216 1.10 -25.08 -24.62
N PRO A 217 0.45 -26.25 -24.46
CA PRO A 217 -0.65 -26.61 -25.37
C PRO A 217 -1.99 -26.00 -24.97
N ILE A 218 -1.95 -24.95 -24.15
CA ILE A 218 -3.20 -24.34 -23.67
C ILE A 218 -4.01 -23.78 -24.83
N LEU A 219 -3.35 -23.10 -25.77
CA LEU A 219 -4.05 -22.41 -26.85
C LEU A 219 -3.97 -23.11 -28.19
N TRP A 220 -2.93 -23.90 -28.44
CA TRP A 220 -2.73 -24.47 -29.76
C TRP A 220 -1.96 -25.77 -29.65
N LEU A 221 -2.03 -26.57 -30.71
CA LEU A 221 -1.24 -27.79 -30.85
C LEU A 221 -0.26 -27.59 -32.00
N PRO A 222 1.02 -27.32 -31.72
CA PRO A 222 1.97 -27.01 -32.81
C PRO A 222 2.25 -28.17 -33.75
N LYS A 223 1.90 -29.40 -33.38
CA LYS A 223 2.19 -30.55 -34.24
C LYS A 223 1.49 -30.42 -35.59
N ASN A 224 0.21 -30.05 -35.57
CA ASN A 224 -0.55 -29.93 -36.81
C ASN A 224 -0.12 -28.69 -37.60
N HIS A 225 -0.02 -27.55 -36.92
CA HIS A 225 0.22 -26.28 -37.61
C HIS A 225 1.62 -26.22 -38.20
N GLY A 226 2.63 -26.54 -37.40
CA GLY A 226 4.01 -26.42 -37.85
C GLY A 226 4.83 -27.67 -37.60
N ILE A 227 6.16 -27.51 -37.56
CA ILE A 227 7.03 -28.66 -37.33
C ILE A 227 6.92 -29.09 -35.86
N SER A 228 7.23 -30.36 -35.61
CA SER A 228 7.15 -30.93 -34.28
C SER A 228 8.48 -31.47 -33.76
N GLY A 229 9.52 -31.50 -34.59
CA GLY A 229 10.81 -31.98 -34.12
C GLY A 229 11.44 -31.10 -33.06
N LEU A 230 11.24 -29.79 -33.15
CA LEU A 230 11.89 -28.83 -32.26
C LEU A 230 10.93 -28.23 -31.25
N ILE A 231 9.77 -27.72 -31.70
CA ILE A 231 8.85 -27.04 -30.80
C ILE A 231 8.28 -28.00 -29.77
N HIS A 232 7.88 -29.20 -30.20
CA HIS A 232 7.23 -30.14 -29.29
C HIS A 232 8.17 -30.65 -28.22
N GLU A 233 9.46 -30.85 -28.54
CA GLU A 233 10.39 -31.41 -27.57
C GLU A 233 10.60 -30.47 -26.38
N MET A 234 10.68 -29.16 -26.64
CA MET A 234 10.85 -28.22 -25.55
C MET A 234 9.58 -28.14 -24.69
N MET A 235 8.41 -28.26 -25.32
CA MET A 235 7.15 -28.17 -24.59
C MET A 235 7.05 -29.24 -23.51
N LYS A 236 7.65 -30.42 -23.73
CA LYS A 236 7.54 -31.50 -22.77
C LYS A 236 8.27 -31.23 -21.46
N TYR A 237 9.19 -30.27 -21.45
CA TYR A 237 9.87 -29.87 -20.23
C TYR A 237 9.08 -28.85 -19.42
N ASN A 238 7.93 -28.41 -19.91
CA ASN A 238 7.13 -27.41 -19.22
C ASN A 238 6.07 -28.12 -18.37
N PRO A 239 6.02 -27.89 -17.05
CA PRO A 239 5.01 -28.56 -16.23
C PRO A 239 3.58 -28.23 -16.62
N VAL A 240 3.34 -27.04 -17.18
CA VAL A 240 1.99 -26.66 -17.59
C VAL A 240 1.48 -27.60 -18.67
N TYR A 241 2.37 -28.07 -19.55
CA TYR A 241 2.00 -29.07 -20.54
C TYR A 241 1.41 -30.31 -19.86
N PHE A 242 2.12 -30.85 -18.88
CA PHE A 242 1.65 -32.05 -18.20
C PHE A 242 0.33 -31.79 -17.48
N ILE A 243 0.21 -30.65 -16.79
CA ILE A 243 -1.00 -30.38 -16.03
C ILE A 243 -2.21 -30.28 -16.95
N ALA A 244 -2.07 -29.52 -18.04
CA ALA A 244 -3.18 -29.34 -18.97
C ALA A 244 -3.56 -30.66 -19.64
N GLU A 245 -2.56 -31.43 -20.07
CA GLU A 245 -2.85 -32.71 -20.73
C GLU A 245 -3.52 -33.68 -19.77
N SER A 246 -3.08 -33.72 -18.52
CA SER A 246 -3.70 -34.60 -17.54
C SER A 246 -5.15 -34.22 -17.27
N TYR A 247 -5.42 -32.91 -17.12
CA TYR A 247 -6.80 -32.49 -16.93
C TYR A 247 -7.67 -32.86 -18.12
N ARG A 248 -7.17 -32.62 -19.34
CA ARG A 248 -7.95 -32.96 -20.52
C ARG A 248 -8.21 -34.45 -20.61
N ALA A 249 -7.21 -35.28 -20.29
CA ALA A 249 -7.40 -36.72 -20.33
C ALA A 249 -8.41 -37.18 -19.28
N ALA A 250 -8.40 -36.55 -18.10
CA ALA A 250 -9.33 -36.96 -17.05
C ALA A 250 -10.75 -36.53 -17.36
N ILE A 251 -10.94 -35.37 -17.96
CA ILE A 251 -12.27 -34.80 -18.15
C ILE A 251 -12.83 -35.09 -19.53
N LEU A 252 -12.01 -35.10 -20.58
CA LEU A 252 -12.49 -35.13 -21.95
C LEU A 252 -12.23 -36.45 -22.66
N TYR A 253 -10.97 -36.90 -22.74
CA TYR A 253 -10.64 -38.05 -23.58
C TYR A 253 -10.96 -39.38 -22.91
N HIS A 254 -11.21 -39.39 -21.60
CA HIS A 254 -11.63 -40.58 -20.86
C HIS A 254 -10.60 -41.71 -21.00
N GLU A 255 -9.42 -41.44 -20.44
CA GLU A 255 -8.33 -42.42 -20.47
C GLU A 255 -7.48 -42.26 -19.22
N TRP A 256 -6.74 -43.31 -18.89
CA TRP A 256 -5.78 -43.28 -17.79
C TRP A 256 -4.48 -42.67 -18.31
N TYR A 257 -4.20 -41.43 -17.90
CA TYR A 257 -3.05 -40.72 -18.44
C TYR A 257 -1.73 -41.30 -17.96
N PHE A 258 -1.68 -41.83 -16.74
CA PHE A 258 -0.41 -42.32 -16.20
C PHE A 258 0.02 -43.63 -16.83
N MET A 259 -0.81 -44.26 -17.67
CA MET A 259 -0.46 -45.54 -18.25
C MET A 259 0.68 -45.41 -19.24
N ASP A 260 0.70 -44.33 -20.02
CA ASP A 260 1.71 -44.14 -21.06
C ASP A 260 2.57 -42.91 -20.84
N HIS A 261 2.37 -42.16 -19.76
CA HIS A 261 3.13 -40.95 -19.49
C HIS A 261 3.60 -40.91 -18.04
N TRP A 262 4.18 -42.01 -17.56
CA TRP A 262 4.66 -42.06 -16.19
C TRP A 262 6.01 -41.36 -16.02
N LYS A 263 6.86 -41.37 -17.05
CA LYS A 263 8.15 -40.70 -16.96
C LYS A 263 7.99 -39.20 -16.76
N LEU A 264 6.99 -38.61 -17.45
CA LEU A 264 6.70 -37.19 -17.26
C LEU A 264 6.27 -36.91 -15.82
N MET A 265 5.47 -37.80 -15.25
CA MET A 265 5.05 -37.65 -13.86
C MET A 265 6.24 -37.71 -12.91
N LEU A 266 7.16 -38.67 -13.14
CA LEU A 266 8.33 -38.77 -12.28
C LEU A 266 9.20 -37.52 -12.39
N TYR A 267 9.39 -37.01 -13.61
CA TYR A 267 10.19 -35.80 -13.80
C TYR A 267 9.57 -34.61 -13.09
N ASN A 268 8.24 -34.47 -13.18
CA ASN A 268 7.58 -33.36 -12.51
C ASN A 268 7.68 -33.49 -10.98
N PHE A 269 7.54 -34.71 -10.46
CA PHE A 269 7.70 -34.91 -9.03
C PHE A 269 9.11 -34.54 -8.57
N GLY A 270 10.11 -34.91 -9.35
CA GLY A 270 11.48 -34.53 -9.03
C GLY A 270 11.66 -33.01 -9.03
N ILE A 271 11.06 -32.33 -10.00
CA ILE A 271 11.12 -30.87 -10.04
C ILE A 271 10.51 -30.28 -8.78
N VAL A 272 9.35 -30.80 -8.36
CA VAL A 272 8.69 -30.30 -7.16
C VAL A 272 9.58 -30.50 -5.94
N ALA A 273 10.18 -31.68 -5.82
CA ALA A 273 11.03 -31.96 -4.67
C ALA A 273 12.24 -31.03 -4.63
N ILE A 274 12.87 -30.80 -5.79
CA ILE A 274 14.04 -29.92 -5.84
C ILE A 274 13.67 -28.51 -5.41
N PHE A 275 12.56 -28.00 -5.95
CA PHE A 275 12.14 -26.64 -5.60
C PHE A 275 11.84 -26.53 -4.11
N PHE A 276 11.14 -27.51 -3.55
CA PHE A 276 10.81 -27.46 -2.12
C PHE A 276 12.07 -27.48 -1.26
N ALA A 277 13.03 -28.35 -1.59
CA ALA A 277 14.24 -28.45 -0.79
C ALA A 277 15.02 -27.15 -0.83
N ILE A 278 15.20 -26.57 -2.02
CA ILE A 278 15.98 -25.34 -2.13
C ILE A 278 15.29 -24.21 -1.37
N GLY A 279 13.97 -24.07 -1.54
CA GLY A 279 13.25 -23.01 -0.85
C GLY A 279 13.32 -23.15 0.66
N ALA A 280 13.17 -24.39 1.17
CA ALA A 280 13.24 -24.61 2.60
C ALA A 280 14.61 -24.26 3.15
N TYR A 281 15.68 -24.66 2.44
CA TYR A 281 17.03 -24.35 2.91
C TYR A 281 17.24 -22.84 2.98
N LEU A 282 16.86 -22.12 1.92
CA LEU A 282 17.06 -20.67 1.91
C LEU A 282 16.25 -19.99 3.01
N HIS A 283 14.97 -20.38 3.15
CA HIS A 283 14.12 -19.77 4.16
C HIS A 283 14.66 -20.01 5.56
N MET A 284 15.11 -21.23 5.85
CA MET A 284 15.70 -21.48 7.17
C MET A 284 16.99 -20.70 7.37
N LYS A 285 17.76 -20.47 6.31
CA LYS A 285 19.00 -19.74 6.47
C LYS A 285 18.74 -18.27 6.79
N TYR A 286 17.79 -17.64 6.12
CA TYR A 286 17.67 -16.18 6.18
C TYR A 286 16.40 -15.66 6.85
N ARG A 287 15.78 -16.43 7.75
CA ARG A 287 14.57 -15.90 8.37
C ARG A 287 14.87 -14.87 9.45
N ASP A 288 15.97 -15.03 10.20
CA ASP A 288 16.22 -14.15 11.34
C ASP A 288 16.70 -12.77 10.90
N GLN A 289 17.21 -12.65 9.67
CA GLN A 289 17.72 -11.39 9.16
C GLN A 289 16.74 -10.70 8.22
N PHE A 290 15.49 -11.16 8.17
CA PHE A 290 14.52 -10.56 7.25
C PHE A 290 14.23 -9.10 7.56
N ALA A 291 14.55 -8.63 8.76
CA ALA A 291 14.30 -7.24 9.10
C ALA A 291 15.30 -6.32 8.43
N ASP A 292 16.58 -6.73 8.38
CA ASP A 292 17.60 -5.90 7.76
C ASP A 292 17.37 -5.72 6.26
N PHE A 293 17.01 -6.80 5.57
CA PHE A 293 16.85 -6.72 4.12
C PHE A 293 15.61 -5.90 3.74
N LEU A 294 14.54 -6.02 4.51
CA LEU A 294 13.32 -5.27 4.24
C LEU A 294 13.53 -3.78 4.45
N MET B 1 14.32 -14.63 43.01
CA MET B 1 15.60 -14.04 42.62
C MET B 1 16.26 -14.84 41.51
N ASN B 2 15.63 -14.84 40.34
CA ASN B 2 16.15 -15.52 39.16
C ASN B 2 16.13 -14.56 37.99
N VAL B 3 17.19 -14.60 37.18
CA VAL B 3 17.28 -13.70 36.04
C VAL B 3 16.19 -14.04 35.03
N SER B 4 15.64 -13.02 34.39
CA SER B 4 14.62 -13.18 33.37
C SER B 4 15.14 -12.86 31.97
N VAL B 5 15.88 -11.76 31.84
CA VAL B 5 16.57 -11.41 30.60
C VAL B 5 18.02 -11.10 30.94
N ASN B 6 18.95 -11.69 30.20
CA ASN B 6 20.37 -11.45 30.38
C ASN B 6 20.97 -11.04 29.04
N ILE B 7 21.59 -9.87 29.01
CA ILE B 7 22.14 -9.27 27.79
C ILE B 7 23.63 -9.11 27.98
N LYS B 8 24.41 -9.61 27.01
CA LYS B 8 25.87 -9.54 27.07
C LYS B 8 26.40 -9.00 25.75
N ASN B 9 26.98 -7.80 25.79
CA ASN B 9 27.74 -7.22 24.68
C ASN B 9 26.94 -7.20 23.38
N VAL B 10 25.71 -6.70 23.46
CA VAL B 10 24.86 -6.58 22.28
C VAL B 10 25.30 -5.37 21.47
N THR B 11 25.54 -5.58 20.17
CA THR B 11 25.96 -4.53 19.26
C THR B 11 25.12 -4.59 18.00
N LYS B 12 24.75 -3.43 17.48
CA LYS B 12 23.97 -3.34 16.24
C LYS B 12 24.61 -2.28 15.35
N GLU B 13 25.01 -2.68 14.14
CA GLU B 13 25.65 -1.80 13.19
C GLU B 13 24.88 -1.78 11.88
N TYR B 14 24.78 -0.59 11.28
CA TYR B 14 24.16 -0.43 9.97
C TYR B 14 25.14 0.25 9.03
N ARG B 15 25.15 -0.18 7.77
CA ARG B 15 26.04 0.39 6.77
C ARG B 15 25.36 1.54 6.05
N ILE B 16 26.11 2.62 5.85
CA ILE B 16 25.58 3.87 5.32
C ILE B 16 26.07 4.02 3.88
N TYR B 17 25.14 4.06 2.93
CA TYR B 17 25.44 4.25 1.52
C TYR B 17 24.86 5.58 1.05
N ARG B 18 25.61 6.28 0.21
CA ARG B 18 25.15 7.55 -0.34
C ARG B 18 24.58 7.39 -1.75
N THR B 19 25.17 6.52 -2.57
CA THR B 19 24.72 6.29 -3.93
C THR B 19 24.63 4.79 -4.19
N ASN B 20 23.86 4.44 -5.23
CA ASN B 20 23.67 3.03 -5.57
C ASN B 20 24.98 2.36 -5.97
N LYS B 21 25.92 3.13 -6.54
CA LYS B 21 27.20 2.56 -6.95
C LYS B 21 27.98 2.05 -5.74
N GLU B 22 27.94 2.79 -4.62
CA GLU B 22 28.64 2.35 -3.43
C GLU B 22 28.05 1.04 -2.89
N ARG B 23 26.72 0.93 -2.87
CA ARG B 23 26.10 -0.31 -2.43
C ARG B 23 26.46 -1.47 -3.35
N MET B 24 26.42 -1.24 -4.66
CA MET B 24 26.75 -2.31 -5.60
C MET B 24 28.19 -2.75 -5.45
N LYS B 25 29.12 -1.80 -5.24
CA LYS B 25 30.51 -2.16 -5.02
C LYS B 25 30.68 -2.93 -3.71
N ASP B 26 29.99 -2.50 -2.66
CA ASP B 26 30.10 -3.19 -1.37
C ASP B 26 29.58 -4.61 -1.45
N ALA B 27 28.49 -4.83 -2.20
CA ALA B 27 27.94 -6.17 -2.33
C ALA B 27 28.87 -7.08 -3.13
N LEU B 28 29.53 -6.55 -4.17
CA LEU B 28 30.30 -7.36 -5.09
C LEU B 28 31.75 -7.55 -4.61
N ILE B 29 32.44 -6.45 -4.35
CA ILE B 29 33.85 -6.54 -3.94
C ILE B 29 33.95 -7.29 -2.62
N PRO B 30 34.86 -8.26 -2.48
CA PRO B 30 34.92 -9.02 -1.22
C PRO B 30 35.27 -8.17 -0.01
N LYS B 31 36.38 -7.45 -0.06
CA LYS B 31 36.81 -6.57 1.01
C LYS B 31 36.70 -5.13 0.54
N HIS B 32 35.90 -4.34 1.26
CA HIS B 32 35.66 -2.95 0.89
C HIS B 32 35.44 -2.14 2.17
N LYS B 33 35.92 -0.92 2.19
CA LYS B 33 35.81 -0.04 3.34
C LYS B 33 34.64 0.92 3.13
N ASN B 34 33.68 0.90 4.07
CA ASN B 34 32.50 1.74 3.97
C ASN B 34 32.15 2.26 5.36
N LYS B 35 31.33 3.30 5.39
CA LYS B 35 30.91 3.89 6.65
C LYS B 35 30.00 2.94 7.42
N THR B 36 30.19 2.91 8.74
CA THR B 36 29.40 2.05 9.62
C THR B 36 28.83 2.89 10.76
N PHE B 37 27.55 2.70 11.04
CA PHE B 37 26.86 3.44 12.09
C PHE B 37 26.51 2.49 13.23
N PHE B 38 26.93 2.85 14.44
CA PHE B 38 26.72 2.02 15.63
C PHE B 38 25.44 2.44 16.32
N ALA B 39 24.35 1.73 16.05
CA ALA B 39 23.09 2.00 16.76
C ALA B 39 23.22 1.69 18.25
N LEU B 40 23.88 0.58 18.57
CA LEU B 40 24.19 0.22 19.95
C LEU B 40 25.62 -0.28 20.01
N ASP B 41 26.25 -0.11 21.18
CA ASP B 41 27.66 -0.47 21.33
C ASP B 41 27.89 -1.00 22.74
N ASP B 42 28.03 -2.31 22.87
CA ASP B 42 28.46 -2.97 24.11
C ASP B 42 27.53 -2.63 25.27
N ILE B 43 26.29 -3.10 25.14
CA ILE B 43 25.27 -2.91 26.16
C ILE B 43 25.11 -4.23 26.92
N SER B 44 25.22 -4.16 28.25
CA SER B 44 25.09 -5.34 29.09
C SER B 44 24.30 -4.97 30.33
N LEU B 45 23.16 -5.62 30.52
CA LEU B 45 22.33 -5.40 31.71
C LEU B 45 21.61 -6.70 32.05
N LYS B 46 21.47 -6.95 33.35
CA LYS B 46 20.82 -8.15 33.87
C LYS B 46 19.54 -7.76 34.58
N ALA B 47 18.43 -8.36 34.18
CA ALA B 47 17.12 -8.05 34.73
C ALA B 47 16.60 -9.25 35.51
N TYR B 48 16.16 -9.01 36.74
CA TYR B 48 15.63 -10.07 37.59
C TYR B 48 14.11 -10.08 37.54
N GLU B 49 13.54 -11.17 38.05
CA GLU B 49 12.09 -11.36 37.98
C GLU B 49 11.38 -10.32 38.84
N GLY B 50 10.30 -9.76 38.29
CA GLY B 50 9.51 -8.78 39.00
C GLY B 50 10.05 -7.37 38.95
N ASP B 51 11.06 -7.11 38.13
CA ASP B 51 11.70 -5.79 38.05
C ASP B 51 11.11 -5.02 36.88
N VAL B 52 10.53 -3.86 37.16
CA VAL B 52 10.00 -2.96 36.14
C VAL B 52 11.08 -1.96 35.79
N ILE B 53 11.42 -1.87 34.51
CA ILE B 53 12.53 -1.08 34.03
C ILE B 53 12.03 -0.04 33.04
N GLY B 54 12.42 1.22 33.25
CA GLY B 54 12.08 2.31 32.35
C GLY B 54 13.31 2.78 31.59
N LEU B 55 13.14 2.91 30.28
CA LEU B 55 14.21 3.35 29.39
C LEU B 55 14.01 4.82 29.06
N VAL B 56 15.02 5.64 29.32
CA VAL B 56 14.95 7.09 29.11
C VAL B 56 16.14 7.53 28.28
N GLY B 57 15.91 8.51 27.41
CA GLY B 57 16.98 9.06 26.59
C GLY B 57 16.43 10.06 25.61
N ILE B 58 17.35 10.73 24.93
CA ILE B 58 17.01 11.73 23.91
C ILE B 58 16.67 11.03 22.60
N ASN B 59 16.15 11.79 21.64
CA ASN B 59 15.79 11.22 20.34
C ASN B 59 17.00 10.61 19.65
N GLY B 60 16.81 9.41 19.10
CA GLY B 60 17.89 8.72 18.44
C GLY B 60 18.89 8.04 19.35
N SER B 61 18.52 7.81 20.62
CA SER B 61 19.47 7.23 21.56
C SER B 61 19.67 5.73 21.30
N GLY B 62 18.62 5.03 20.91
CA GLY B 62 18.72 3.60 20.70
C GLY B 62 17.86 2.78 21.64
N LYS B 63 16.72 3.34 22.05
CA LYS B 63 15.83 2.61 22.95
C LYS B 63 14.96 1.61 22.21
N SER B 64 14.42 1.99 21.05
CA SER B 64 13.59 1.08 20.29
C SER B 64 14.39 -0.09 19.74
N THR B 65 15.66 0.14 19.37
CA THR B 65 16.51 -0.97 18.93
C THR B 65 16.71 -1.98 20.05
N LEU B 66 16.96 -1.49 21.27
CA LEU B 66 17.10 -2.39 22.41
C LEU B 66 15.81 -3.15 22.69
N SER B 67 14.68 -2.45 22.62
CA SER B 67 13.40 -3.11 22.88
C SER B 67 13.10 -4.17 21.82
N ASN B 68 13.45 -3.91 20.56
CA ASN B 68 13.22 -4.89 19.51
C ASN B 68 14.18 -6.07 19.63
N ILE B 69 15.41 -5.82 20.07
CA ILE B 69 16.35 -6.92 20.31
C ILE B 69 15.84 -7.81 21.43
N ILE B 70 15.34 -7.21 22.51
CA ILE B 70 14.80 -8.00 23.61
C ILE B 70 13.56 -8.76 23.17
N GLY B 71 12.69 -8.12 22.39
CA GLY B 71 11.45 -8.75 21.97
C GLY B 71 11.62 -9.81 20.90
N GLY B 72 12.83 -9.95 20.34
CA GLY B 72 13.12 -10.99 19.39
C GLY B 72 12.88 -10.63 17.94
N SER B 73 12.31 -9.45 17.67
CA SER B 73 12.04 -9.07 16.29
C SER B 73 13.34 -8.78 15.53
N LEU B 74 14.35 -8.28 16.23
CA LEU B 74 15.62 -7.89 15.62
C LEU B 74 16.74 -8.76 16.19
N SER B 75 17.82 -8.89 15.42
CA SER B 75 18.93 -9.75 15.80
C SER B 75 20.20 -8.94 15.98
N PRO B 76 20.90 -9.09 17.09
CA PRO B 76 22.14 -8.34 17.30
C PRO B 76 23.22 -8.77 16.32
N THR B 77 24.10 -7.83 15.97
CA THR B 77 25.24 -8.16 15.13
C THR B 77 26.27 -8.98 15.91
N VAL B 78 26.51 -8.62 17.17
CA VAL B 78 27.46 -9.34 18.01
C VAL B 78 26.83 -9.46 19.40
N GLY B 79 26.95 -10.66 19.99
CA GLY B 79 26.40 -10.91 21.29
C GLY B 79 25.14 -11.75 21.24
N LYS B 80 24.65 -12.08 22.44
CA LYS B 80 23.50 -12.96 22.57
C LYS B 80 22.58 -12.42 23.66
N VAL B 81 21.30 -12.79 23.55
CA VAL B 81 20.29 -12.45 24.55
C VAL B 81 19.73 -13.74 25.13
N ASP B 82 19.95 -13.96 26.43
CA ASP B 82 19.47 -15.13 27.13
C ASP B 82 18.25 -14.75 27.95
N ARG B 83 17.11 -15.36 27.65
CA ARG B 83 15.86 -15.04 28.32
C ARG B 83 15.11 -16.32 28.63
N ASN B 84 14.20 -16.24 29.60
CA ASN B 84 13.30 -17.33 29.94
C ASN B 84 11.86 -16.80 29.95
N GLY B 85 10.92 -17.65 29.59
CA GLY B 85 9.53 -17.26 29.51
C GLY B 85 9.20 -16.60 28.18
N GLU B 86 7.90 -16.52 27.90
CA GLU B 86 7.43 -15.92 26.66
C GLU B 86 7.49 -14.41 26.73
N VAL B 87 7.58 -13.77 25.57
CA VAL B 87 7.67 -12.32 25.45
C VAL B 87 6.49 -11.83 24.62
N SER B 88 5.82 -10.78 25.10
CA SER B 88 4.73 -10.16 24.37
C SER B 88 4.97 -8.66 24.29
N VAL B 89 4.56 -8.07 23.17
CA VAL B 89 4.75 -6.64 22.91
C VAL B 89 3.38 -6.01 22.73
N ILE B 90 3.20 -4.81 23.26
CA ILE B 90 1.94 -4.08 23.16
C ILE B 90 2.05 -3.12 21.99
N ALA B 91 1.32 -3.40 20.92
CA ALA B 91 1.27 -2.56 19.73
C ALA B 91 -0.13 -2.65 19.14
N ILE B 92 -0.81 -1.51 19.04
CA ILE B 92 -2.23 -1.53 18.72
C ILE B 92 -2.47 -1.50 17.20
N SER B 93 -1.49 -1.01 16.44
CA SER B 93 -1.70 -0.81 15.01
C SER B 93 -1.31 -2.03 14.19
N ALA B 94 -0.82 -3.08 14.85
CA ALA B 94 -0.19 -4.19 14.12
C ALA B 94 -1.20 -4.92 13.23
N GLY B 95 -2.33 -5.35 13.80
CA GLY B 95 -3.22 -6.24 13.09
C GLY B 95 -4.57 -5.69 12.69
N LEU B 96 -4.76 -4.38 12.63
CA LEU B 96 -6.04 -3.79 12.29
C LEU B 96 -6.07 -3.39 10.82
N SER B 97 -7.08 -3.88 10.10
CA SER B 97 -7.25 -3.61 8.68
C SER B 97 -8.52 -2.79 8.49
N GLY B 98 -8.45 -1.76 7.66
CA GLY B 98 -9.59 -0.87 7.49
C GLY B 98 -10.77 -1.56 6.83
N GLN B 99 -10.51 -2.47 5.89
CA GLN B 99 -11.59 -3.12 5.16
C GLN B 99 -12.40 -4.05 6.06
N LEU B 100 -11.73 -4.77 6.95
CA LEU B 100 -12.43 -5.69 7.85
C LEU B 100 -13.15 -4.92 8.95
N THR B 101 -14.31 -5.44 9.35
CA THR B 101 -15.06 -4.85 10.44
C THR B 101 -14.39 -5.13 11.78
N GLY B 102 -14.97 -4.58 12.85
CA GLY B 102 -14.40 -4.78 14.17
C GLY B 102 -14.43 -6.23 14.60
N ILE B 103 -15.55 -6.92 14.38
CA ILE B 103 -15.66 -8.32 14.76
C ILE B 103 -14.66 -9.17 13.98
N GLU B 104 -14.53 -8.91 12.68
CA GLU B 104 -13.56 -9.66 11.88
C GLU B 104 -12.13 -9.32 12.29
N ASN B 105 -11.88 -8.06 12.64
CA ASN B 105 -10.54 -7.65 13.04
C ASN B 105 -10.13 -8.30 14.35
N ILE B 106 -11.07 -8.49 15.27
CA ILE B 106 -10.76 -9.19 16.51
C ILE B 106 -10.23 -10.59 16.21
N GLU B 107 -10.96 -11.35 15.39
CA GLU B 107 -10.55 -12.70 15.06
C GLU B 107 -9.23 -12.71 14.29
N PHE B 108 -9.07 -11.78 13.34
CA PHE B 108 -7.85 -11.73 12.55
C PHE B 108 -6.63 -11.50 13.43
N LYS B 109 -6.70 -10.49 14.31
CA LYS B 109 -5.56 -10.17 15.17
C LYS B 109 -5.31 -11.29 16.18
N MET B 110 -6.36 -11.87 16.75
CA MET B 110 -6.16 -12.95 17.73
C MET B 110 -5.59 -14.19 17.07
N LEU B 111 -5.92 -14.43 15.79
CA LEU B 111 -5.35 -15.57 15.08
C LEU B 111 -3.89 -15.34 14.74
N CYS B 112 -3.56 -14.15 14.22
CA CYS B 112 -2.15 -13.85 13.95
C CYS B 112 -1.34 -13.79 15.23
N MET B 113 -1.99 -13.55 16.37
CA MET B 113 -1.28 -13.37 17.63
C MET B 113 -0.82 -14.70 18.19
N GLY B 114 -1.59 -15.77 18.00
CA GLY B 114 -1.17 -17.09 18.44
C GLY B 114 -2.16 -17.84 19.31
N PHE B 115 -3.42 -17.41 19.29
CA PHE B 115 -4.46 -18.04 20.09
C PHE B 115 -5.23 -19.07 19.29
N LYS B 116 -5.66 -20.14 19.96
CA LYS B 116 -6.49 -21.15 19.33
C LYS B 116 -7.93 -20.65 19.19
N ARG B 117 -8.71 -21.35 18.36
CA ARG B 117 -10.07 -20.90 18.06
C ARG B 117 -10.96 -20.92 19.30
N LYS B 118 -10.84 -21.97 20.12
CA LYS B 118 -11.72 -22.10 21.28
C LYS B 118 -11.51 -20.98 22.28
N GLU B 119 -10.26 -20.56 22.48
CA GLU B 119 -10.00 -19.42 23.35
C GLU B 119 -10.57 -18.13 22.78
N ILE B 120 -10.44 -17.92 21.46
CA ILE B 120 -10.95 -16.71 20.85
C ILE B 120 -12.45 -16.61 21.02
N LYS B 121 -13.15 -17.73 20.81
CA LYS B 121 -14.61 -17.72 20.95
C LYS B 121 -15.04 -17.30 22.34
N ALA B 122 -14.25 -17.67 23.36
CA ALA B 122 -14.58 -17.29 24.73
C ALA B 122 -14.22 -15.84 25.01
N MET B 123 -13.08 -15.37 24.50
CA MET B 123 -12.60 -14.05 24.90
C MET B 123 -13.25 -12.93 24.10
N THR B 124 -13.91 -13.26 22.99
CA THR B 124 -14.51 -12.20 22.17
C THR B 124 -15.52 -11.32 22.91
N PRO B 125 -16.52 -11.85 23.64
CA PRO B 125 -17.49 -10.95 24.29
C PRO B 125 -16.87 -9.99 25.29
N LYS B 126 -15.84 -10.42 26.02
CA LYS B 126 -15.19 -9.51 26.97
C LYS B 126 -14.52 -8.35 26.25
N ILE B 127 -13.86 -8.63 25.12
CA ILE B 127 -13.27 -7.56 24.33
C ILE B 127 -14.34 -6.61 23.82
N ILE B 128 -15.46 -7.14 23.34
CA ILE B 128 -16.53 -6.30 22.83
C ILE B 128 -17.07 -5.39 23.93
N GLU B 129 -17.27 -5.94 25.13
CA GLU B 129 -17.78 -5.14 26.24
C GLU B 129 -16.75 -4.10 26.71
N PHE B 130 -15.47 -4.45 26.72
CA PHE B 130 -14.45 -3.52 27.18
C PHE B 130 -14.25 -2.36 26.22
N SER B 131 -14.34 -2.61 24.91
CA SER B 131 -14.06 -1.57 23.93
C SER B 131 -15.08 -0.43 24.00
N GLU B 132 -16.33 -0.76 24.33
CA GLU B 132 -17.42 0.22 24.44
C GLU B 132 -17.70 0.92 23.11
N LEU B 133 -17.52 0.22 21.99
CA LEU B 133 -17.81 0.82 20.69
C LEU B 133 -19.32 0.91 20.45
N GLY B 134 -20.06 -0.12 20.82
CA GLY B 134 -21.51 -0.09 20.68
C GLY B 134 -21.96 -0.68 19.37
N GLU B 135 -22.84 0.02 18.67
CA GLU B 135 -23.35 -0.47 17.38
C GLU B 135 -22.27 -0.46 16.31
N PHE B 136 -21.27 0.41 16.44
CA PHE B 136 -20.24 0.56 15.42
C PHE B 136 -19.28 -0.62 15.35
N ILE B 137 -19.44 -1.64 16.20
CA ILE B 137 -18.55 -2.80 16.12
C ILE B 137 -18.79 -3.58 14.85
N TYR B 138 -19.96 -3.39 14.22
CA TYR B 138 -20.26 -4.10 12.99
C TYR B 138 -19.82 -3.31 11.76
N GLN B 139 -19.58 -2.02 11.93
CA GLN B 139 -19.15 -1.18 10.82
C GLN B 139 -17.67 -1.43 10.51
N PRO B 140 -17.24 -1.14 9.28
CA PRO B 140 -15.81 -1.28 8.96
C PRO B 140 -14.95 -0.32 9.77
N VAL B 141 -13.70 -0.72 9.99
CA VAL B 141 -12.80 0.06 10.84
C VAL B 141 -12.45 1.39 10.17
N LYS B 142 -12.46 1.42 8.83
CA LYS B 142 -12.12 2.66 8.13
C LYS B 142 -13.10 3.78 8.47
N LYS B 143 -14.28 3.44 8.97
CA LYS B 143 -15.27 4.46 9.35
C LYS B 143 -15.02 4.98 10.76
N TYR B 144 -14.13 4.32 11.51
CA TYR B 144 -13.91 4.69 12.90
C TYR B 144 -13.13 6.00 13.00
N SER B 145 -13.33 6.70 14.11
CA SER B 145 -12.44 7.78 14.48
C SER B 145 -11.13 7.21 15.02
N SER B 146 -10.15 8.10 15.20
CA SER B 146 -8.84 7.65 15.68
C SER B 146 -8.93 7.08 17.09
N GLY B 147 -9.69 7.74 17.97
CA GLY B 147 -9.80 7.27 19.34
C GLY B 147 -10.47 5.91 19.44
N MET B 148 -11.54 5.69 18.65
CA MET B 148 -12.23 4.41 18.67
C MET B 148 -11.32 3.29 18.18
N ARG B 149 -10.55 3.55 17.12
CA ARG B 149 -9.61 2.56 16.61
C ARG B 149 -8.54 2.24 17.65
N ALA B 150 -8.01 3.26 18.32
CA ALA B 150 -7.01 3.03 19.36
C ALA B 150 -7.59 2.22 20.51
N LYS B 151 -8.83 2.51 20.90
CA LYS B 151 -9.47 1.76 21.98
C LYS B 151 -9.67 0.30 21.60
N LEU B 152 -10.09 0.04 20.36
CA LEU B 152 -10.24 -1.35 19.92
C LEU B 152 -8.90 -2.08 19.92
N GLY B 153 -7.85 -1.42 19.42
CA GLY B 153 -6.54 -2.03 19.44
C GLY B 153 -6.07 -2.35 20.85
N PHE B 154 -6.24 -1.41 21.78
CA PHE B 154 -5.84 -1.65 23.16
C PHE B 154 -6.64 -2.80 23.78
N SER B 155 -7.94 -2.85 23.51
CA SER B 155 -8.76 -3.93 24.05
C SER B 155 -8.30 -5.28 23.55
N ILE B 156 -7.97 -5.38 22.26
CA ILE B 156 -7.47 -6.65 21.74
C ILE B 156 -6.12 -7.00 22.35
N ASN B 157 -5.24 -6.00 22.50
CA ASN B 157 -3.87 -6.29 22.91
C ASN B 157 -3.77 -6.62 24.39
N ILE B 158 -4.69 -6.12 25.21
CA ILE B 158 -4.54 -6.27 26.66
C ILE B 158 -4.77 -7.71 27.12
N THR B 159 -5.15 -8.60 26.21
CA THR B 159 -5.53 -9.96 26.61
C THR B 159 -4.32 -10.87 26.81
N VAL B 160 -3.13 -10.41 26.41
CA VAL B 160 -1.95 -11.26 26.51
C VAL B 160 -1.60 -11.50 27.98
N ASN B 161 -0.92 -12.63 28.23
CA ASN B 161 -0.40 -12.96 29.56
C ASN B 161 0.99 -13.58 29.38
N PRO B 162 2.01 -12.76 29.23
CA PRO B 162 3.37 -13.28 29.04
C PRO B 162 4.15 -13.36 30.35
N ASP B 163 5.35 -13.93 30.25
CA ASP B 163 6.30 -13.85 31.35
C ASP B 163 7.05 -12.53 31.33
N ILE B 164 7.39 -12.04 30.13
CA ILE B 164 8.07 -10.76 29.94
C ILE B 164 7.21 -9.90 29.03
N LEU B 165 6.99 -8.65 29.42
CA LEU B 165 6.14 -7.73 28.69
C LEU B 165 6.93 -6.49 28.30
N VAL B 166 6.74 -6.03 27.05
CA VAL B 166 7.37 -4.82 26.54
C VAL B 166 6.26 -3.86 26.11
N ILE B 167 6.31 -2.64 26.64
CA ILE B 167 5.36 -1.59 26.30
C ILE B 167 6.12 -0.42 25.69
N ASP B 168 5.49 0.30 24.79
CA ASP B 168 6.12 1.42 24.09
C ASP B 168 5.08 2.53 23.91
N GLU B 169 5.05 3.47 24.86
CA GLU B 169 4.21 4.67 24.77
C GLU B 169 2.74 4.32 24.57
N ALA B 170 2.26 3.32 25.31
CA ALA B 170 0.88 2.86 25.21
C ALA B 170 0.27 2.58 26.58
N LEU B 171 0.61 3.36 27.59
CA LEU B 171 0.07 3.12 28.93
C LEU B 171 -1.41 3.43 28.99
N SER B 172 -1.86 4.50 28.33
CA SER B 172 -3.26 4.89 28.34
C SER B 172 -3.69 5.25 26.93
N VAL B 173 -4.98 5.08 26.67
CA VAL B 173 -5.55 5.32 25.35
C VAL B 173 -6.93 5.95 25.51
N GLY B 174 -7.21 6.94 24.66
CA GLY B 174 -8.52 7.56 24.65
C GLY B 174 -8.63 8.75 25.58
N ASP B 175 -9.86 9.24 25.71
CA ASP B 175 -10.14 10.41 26.53
C ASP B 175 -10.02 10.08 28.02
N GLN B 176 -10.33 11.07 28.85
CA GLN B 176 -10.15 10.93 30.29
C GLN B 176 -11.03 9.84 30.87
N THR B 177 -12.20 9.61 30.27
CA THR B 177 -13.12 8.61 30.81
C THR B 177 -12.64 7.18 30.55
N PHE B 178 -11.64 6.99 29.70
CA PHE B 178 -11.16 5.66 29.36
C PHE B 178 -9.76 5.35 29.86
N ALA B 179 -8.98 6.36 30.24
CA ALA B 179 -7.59 6.12 30.63
C ALA B 179 -7.47 5.37 31.94
N GLN B 180 -8.40 5.58 32.88
CA GLN B 180 -8.30 4.95 34.18
C GLN B 180 -8.38 3.43 34.07
N LYS B 181 -9.26 2.92 33.21
CA LYS B 181 -9.38 1.48 33.03
C LYS B 181 -8.08 0.90 32.50
N CYS B 182 -7.45 1.57 31.53
CA CYS B 182 -6.18 1.10 31.01
C CYS B 182 -5.11 1.13 32.09
N LEU B 183 -5.10 2.15 32.94
CA LEU B 183 -4.12 2.21 34.01
C LEU B 183 -4.30 1.07 35.00
N ASP B 184 -5.55 0.77 35.37
CA ASP B 184 -5.79 -0.36 36.27
C ASP B 184 -5.38 -1.68 35.63
N LYS B 185 -5.68 -1.86 34.34
CA LYS B 185 -5.28 -3.09 33.67
C LYS B 185 -3.77 -3.24 33.62
N ILE B 186 -3.06 -2.14 33.37
CA ILE B 186 -1.60 -2.18 33.35
C ILE B 186 -1.05 -2.50 34.74
N TYR B 187 -1.63 -1.89 35.78
CA TYR B 187 -1.16 -2.15 37.14
C TYR B 187 -1.36 -3.62 37.53
N GLU B 188 -2.47 -4.21 37.06
CA GLU B 188 -2.72 -5.62 37.33
C GLU B 188 -1.54 -6.49 36.89
N PHE B 189 -0.90 -6.13 35.79
CA PHE B 189 0.32 -6.83 35.38
C PHE B 189 1.43 -6.68 36.41
N LYS B 190 1.56 -5.48 36.99
CA LYS B 190 2.60 -5.26 38.00
C LYS B 190 2.35 -6.10 39.25
N GLU B 191 1.08 -6.23 39.68
CA GLU B 191 0.82 -7.01 40.87
C GLU B 191 1.06 -8.51 40.69
N GLN B 192 1.23 -8.98 39.46
CA GLN B 192 1.47 -10.41 39.21
C GLN B 192 2.94 -10.76 39.07
N ASN B 193 3.84 -9.81 39.33
CA ASN B 193 5.29 -10.06 39.32
C ASN B 193 5.78 -10.52 37.95
N LYS B 194 5.58 -9.66 36.95
CA LYS B 194 6.12 -9.88 35.61
C LYS B 194 7.14 -8.80 35.28
N THR B 195 8.22 -9.19 34.61
CA THR B 195 9.23 -8.23 34.19
C THR B 195 8.68 -7.37 33.06
N ILE B 196 8.77 -6.05 33.22
CA ILE B 196 8.19 -5.09 32.30
C ILE B 196 9.25 -4.09 31.89
N PHE B 197 9.35 -3.83 30.58
CA PHE B 197 10.22 -2.79 30.03
C PHE B 197 9.35 -1.68 29.47
N PHE B 198 9.54 -0.47 29.98
CA PHE B 198 8.71 0.68 29.63
C PHE B 198 9.58 1.73 28.93
N VAL B 199 9.17 2.13 27.74
CA VAL B 199 9.89 3.12 26.94
C VAL B 199 8.95 4.29 26.71
N SER B 200 9.27 5.45 27.27
CA SER B 200 8.45 6.64 27.10
C SER B 200 9.25 7.87 27.48
N HIS B 201 8.75 9.02 27.03
CA HIS B 201 9.32 10.32 27.38
C HIS B 201 8.58 10.99 28.53
N ASN B 202 7.53 10.36 29.06
CA ASN B 202 6.74 10.94 30.14
C ASN B 202 7.38 10.57 31.47
N LEU B 203 7.96 11.57 32.14
CA LEU B 203 8.67 11.31 33.39
C LEU B 203 7.71 11.08 34.56
N GLY B 204 6.53 11.68 34.54
CA GLY B 204 5.57 11.45 35.61
C GLY B 204 5.10 10.01 35.67
N GLN B 205 4.73 9.46 34.51
CA GLN B 205 4.31 8.07 34.46
C GLN B 205 5.46 7.13 34.81
N VAL B 206 6.67 7.45 34.37
CA VAL B 206 7.83 6.63 34.70
C VAL B 206 8.06 6.63 36.20
N ARG B 207 7.95 7.80 36.84
CA ARG B 207 8.12 7.87 38.29
C ARG B 207 7.03 7.10 39.02
N GLN B 208 5.79 7.19 38.53
CA GLN B 208 4.68 6.51 39.19
C GLN B 208 4.75 5.00 39.04
N PHE B 209 5.23 4.51 37.90
CA PHE B 209 5.08 3.10 37.53
C PHE B 209 6.36 2.28 37.66
N CYS B 210 7.50 2.83 37.27
CA CYS B 210 8.72 2.04 37.12
C CYS B 210 9.41 1.80 38.46
N THR B 211 10.36 0.87 38.45
CA THR B 211 11.18 0.51 39.61
C THR B 211 12.65 0.78 39.42
N LYS B 212 13.21 0.43 38.26
CA LYS B 212 14.60 0.71 37.91
C LYS B 212 14.64 1.49 36.60
N ILE B 213 15.74 2.23 36.41
CA ILE B 213 15.88 3.13 35.27
C ILE B 213 17.17 2.80 34.54
N ALA B 214 17.10 2.74 33.21
CA ALA B 214 18.26 2.58 32.35
C ALA B 214 18.36 3.78 31.42
N TRP B 215 19.50 4.46 31.46
CA TRP B 215 19.71 5.70 30.72
C TRP B 215 20.64 5.40 29.54
N ILE B 216 20.17 5.70 28.33
CA ILE B 216 20.90 5.41 27.09
C ILE B 216 21.22 6.73 26.41
N GLU B 217 22.51 6.98 26.17
CA GLU B 217 22.96 8.18 25.49
C GLU B 217 23.96 7.80 24.41
N GLY B 218 23.65 8.16 23.17
CA GLY B 218 24.56 7.89 22.06
C GLY B 218 24.86 6.43 21.81
N GLY B 219 23.85 5.58 21.95
CA GLY B 219 24.03 4.16 21.70
C GLY B 219 24.73 3.39 22.79
N LYS B 220 25.01 4.01 23.93
CA LYS B 220 25.67 3.35 25.05
C LYS B 220 24.86 3.60 26.32
N LEU B 221 25.06 2.72 27.29
CA LEU B 221 24.32 2.78 28.55
C LEU B 221 25.10 3.62 29.55
N LYS B 222 24.58 4.81 29.86
CA LYS B 222 25.27 5.71 30.79
C LYS B 222 25.22 5.17 32.21
N ASP B 223 24.05 4.74 32.68
CA ASP B 223 23.88 4.34 34.06
C ASP B 223 22.76 3.31 34.17
N TYR B 224 22.89 2.45 35.17
CA TYR B 224 21.88 1.43 35.46
C TYR B 224 21.78 1.29 36.97
N GLY B 225 20.56 1.44 37.49
CA GLY B 225 20.36 1.36 38.93
C GLY B 225 18.94 1.71 39.31
N GLU B 226 18.76 2.01 40.59
CA GLU B 226 17.44 2.34 41.12
C GLU B 226 16.92 3.65 40.54
N LEU B 227 15.60 3.79 40.57
CA LEU B 227 14.98 5.01 40.05
C LEU B 227 15.40 6.23 40.85
N ASP B 228 15.42 6.11 42.18
CA ASP B 228 15.71 7.25 43.03
C ASP B 228 17.09 7.82 42.82
N ASP B 229 18.03 6.98 42.36
CA ASP B 229 19.40 7.43 42.15
C ASP B 229 19.69 7.86 40.72
N VAL B 230 18.95 7.33 39.75
CA VAL B 230 19.24 7.57 38.35
C VAL B 230 18.37 8.67 37.76
N LEU B 231 17.06 8.66 38.06
CA LEU B 231 16.17 9.66 37.47
C LEU B 231 16.56 11.10 37.82
N PRO B 232 16.97 11.44 39.04
CA PRO B 232 17.42 12.82 39.29
C PRO B 232 18.58 13.26 38.39
N LYS B 233 19.51 12.35 38.08
CA LYS B 233 20.60 12.71 37.18
C LYS B 233 20.09 13.06 35.79
N TYR B 234 19.16 12.26 35.26
CA TYR B 234 18.59 12.55 33.95
C TYR B 234 17.84 13.87 33.96
N GLU B 235 17.06 14.13 35.01
CA GLU B 235 16.33 15.39 35.09
C GLU B 235 17.29 16.58 35.18
N ALA B 236 18.37 16.43 35.95
CA ALA B 236 19.36 17.50 36.05
C ALA B 236 20.02 17.77 34.70
N PHE B 237 20.37 16.71 33.97
CA PHE B 237 20.96 16.90 32.65
C PHE B 237 19.99 17.59 31.70
N LEU B 238 18.71 17.19 31.74
CA LEU B 238 17.71 17.84 30.90
C LEU B 238 17.57 19.32 31.23
N ASN B 239 17.56 19.66 32.53
CA ASN B 239 17.49 21.06 32.93
C ASN B 239 18.73 21.83 32.48
N ASP B 240 19.90 21.20 32.58
CA ASP B 240 21.14 21.85 32.18
C ASP B 240 21.14 22.14 30.68
N PHE B 241 20.62 21.20 29.87
CA PHE B 241 20.63 21.37 28.42
C PHE B 241 19.90 22.64 27.98
N LYS B 242 18.87 23.04 28.72
CA LYS B 242 18.09 24.22 28.33
C LYS B 242 18.88 25.51 28.49
N LYS B 243 19.77 25.57 29.49
CA LYS B 243 20.53 26.80 29.73
C LYS B 243 21.65 27.02 28.73
N LYS B 244 22.07 25.98 28.02
CA LYS B 244 23.19 26.11 27.10
C LYS B 244 22.79 26.92 25.86
N SER B 245 23.77 27.61 25.29
CA SER B 245 23.54 28.37 24.08
C SER B 245 23.47 27.43 22.88
N LYS B 246 23.02 27.97 21.75
CA LYS B 246 22.81 27.15 20.55
C LYS B 246 24.11 26.55 20.05
N ALA B 247 25.20 27.32 20.09
CA ALA B 247 26.49 26.80 19.64
C ALA B 247 26.94 25.65 20.51
N GLU B 248 26.75 25.75 21.83
CA GLU B 248 27.14 24.66 22.72
C GLU B 248 26.30 23.42 22.50
N GLN B 249 25.00 23.60 22.23
CA GLN B 249 24.15 22.44 21.91
C GLN B 249 24.61 21.77 20.63
N LYS B 250 24.94 22.56 19.61
CA LYS B 250 25.43 21.99 18.36
C LYS B 250 26.75 21.26 18.58
N GLU B 251 27.63 21.82 19.40
CA GLU B 251 28.90 21.15 19.69
C GLU B 251 28.67 19.83 20.42
N PHE B 252 27.76 19.81 21.38
CA PHE B 252 27.45 18.58 22.09
C PHE B 252 26.90 17.52 21.14
N ARG B 253 25.99 17.91 20.26
CA ARG B 253 25.42 16.94 19.31
C ARG B 253 26.49 16.43 18.35
N ASN B 254 27.37 17.31 17.88
CA ASN B 254 28.43 16.89 16.98
C ASN B 254 29.40 15.93 17.67
N LYS B 255 29.74 16.21 18.92
CA LYS B 255 30.61 15.30 19.67
C LYS B 255 29.94 13.95 19.87
N LEU B 256 28.63 13.95 20.14
CA LEU B 256 27.92 12.69 20.31
C LEU B 256 27.89 11.89 19.01
N ASP B 257 27.66 12.57 17.88
CA ASP B 257 27.55 11.88 16.60
C ASP B 257 28.91 11.47 16.03
N GLU B 258 30.00 12.09 16.47
CA GLU B 258 31.31 11.75 15.94
C GLU B 258 31.70 10.31 16.27
N SER B 259 31.42 9.87 17.50
CA SER B 259 31.84 8.54 17.91
C SER B 259 31.03 7.44 17.25
N ARG B 260 29.75 7.71 16.93
CA ARG B 260 28.90 6.69 16.35
C ARG B 260 29.34 6.33 14.93
N PHE B 261 29.67 7.32 14.12
CA PHE B 261 30.04 7.09 12.73
C PHE B 261 31.52 6.71 12.65
N VAL B 262 31.80 5.53 12.08
CA VAL B 262 33.15 5.04 11.92
C VAL B 262 33.31 4.49 10.51
N ILE B 263 34.57 4.38 10.08
CA ILE B 263 34.92 3.81 8.78
C ILE B 263 35.66 2.50 9.01
N LYS B 264 35.22 1.44 8.33
CA LYS B 264 35.80 0.12 8.52
C LYS B 264 35.39 -0.82 7.39
N MET C 1 -12.69 43.80 13.74
CA MET C 1 -13.97 43.17 14.06
C MET C 1 -14.69 42.76 12.78
N ASN C 2 -14.13 41.79 12.08
CA ASN C 2 -14.71 41.24 10.87
C ASN C 2 -14.73 39.73 10.97
N VAL C 3 -15.82 39.12 10.51
CA VAL C 3 -15.94 37.67 10.58
C VAL C 3 -14.90 37.02 9.67
N SER C 4 -14.36 35.89 10.11
CA SER C 4 -13.40 35.13 9.34
C SER C 4 -13.97 33.82 8.81
N VAL C 5 -14.69 33.09 9.66
CA VAL C 5 -15.43 31.90 9.26
C VAL C 5 -16.85 32.02 9.77
N ASN C 6 -17.83 31.79 8.90
CA ASN C 6 -19.23 31.83 9.25
C ASN C 6 -19.87 30.51 8.85
N ILE C 7 -20.48 29.82 9.80
CA ILE C 7 -21.06 28.50 9.60
C ILE C 7 -22.55 28.59 9.91
N LYS C 8 -23.38 28.11 8.99
CA LYS C 8 -24.83 28.16 9.14
C LYS C 8 -25.41 26.78 8.83
N ASN C 9 -25.94 26.12 9.86
CA ASN C 9 -26.75 24.91 9.72
C ASN C 9 -26.01 23.82 8.94
N VAL C 10 -24.76 23.57 9.34
CA VAL C 10 -23.97 22.52 8.71
C VAL C 10 -24.42 21.17 9.25
N THR C 11 -24.71 20.24 8.34
CA THR C 11 -25.16 18.90 8.68
C THR C 11 -24.37 17.89 7.86
N LYS C 12 -24.00 16.77 8.48
CA LYS C 12 -23.28 15.69 7.81
C LYS C 12 -23.94 14.37 8.17
N GLU C 13 -24.40 13.64 7.17
CA GLU C 13 -25.06 12.36 7.36
C GLU C 13 -24.34 11.28 6.58
N TYR C 14 -24.25 10.09 7.18
CA TYR C 14 -23.69 8.92 6.54
C TYR C 14 -24.69 7.78 6.59
N ARG C 15 -24.76 7.01 5.51
CA ARG C 15 -25.69 5.88 5.42
C ARG C 15 -25.01 4.61 5.90
N ILE C 16 -25.75 3.83 6.70
CA ILE C 16 -25.22 2.66 7.38
C ILE C 16 -25.76 1.42 6.71
N TYR C 17 -24.88 0.61 6.14
CA TYR C 17 -25.24 -0.65 5.49
C TYR C 17 -24.65 -1.81 6.27
N ARG C 18 -25.42 -2.90 6.37
CA ARG C 18 -24.95 -4.09 7.07
C ARG C 18 -24.46 -5.15 6.10
N THR C 19 -25.10 -5.30 4.95
CA THR C 19 -24.72 -6.28 3.94
C THR C 19 -24.67 -5.62 2.58
N ASN C 20 -23.96 -6.28 1.65
CA ASN C 20 -23.82 -5.74 0.30
C ASN C 20 -25.16 -5.65 -0.43
N LYS C 21 -26.10 -6.53 -0.08
CA LYS C 21 -27.41 -6.49 -0.73
C LYS C 21 -28.14 -5.20 -0.40
N GLU C 22 -28.05 -4.73 0.84
CA GLU C 22 -28.70 -3.48 1.21
C GLU C 22 -28.12 -2.30 0.43
N ARG C 23 -26.79 -2.25 0.29
CA ARG C 23 -26.18 -1.18 -0.48
C ARG C 23 -26.60 -1.25 -1.94
N MET C 24 -26.62 -2.45 -2.53
CA MET C 24 -27.01 -2.59 -3.92
C MET C 24 -28.46 -2.16 -4.13
N LYS C 25 -29.35 -2.53 -3.20
CA LYS C 25 -30.74 -2.11 -3.30
C LYS C 25 -30.87 -0.60 -3.15
N ASP C 26 -30.12 0.00 -2.22
CA ASP C 26 -30.18 1.44 -2.03
C ASP C 26 -29.70 2.20 -3.26
N ALA C 27 -28.65 1.69 -3.91
CA ALA C 27 -28.15 2.34 -5.10
C ALA C 27 -29.14 2.25 -6.26
N LEU C 28 -29.81 1.11 -6.40
CA LEU C 28 -30.66 0.86 -7.57
C LEU C 28 -32.08 1.38 -7.38
N ILE C 29 -32.75 0.97 -6.30
CA ILE C 29 -34.14 1.39 -6.07
C ILE C 29 -34.19 2.91 -5.92
N PRO C 30 -35.11 3.60 -6.59
CA PRO C 30 -35.13 5.08 -6.47
C PRO C 30 -35.42 5.57 -5.06
N LYS C 31 -36.51 5.13 -4.45
CA LYS C 31 -36.87 5.51 -3.08
C LYS C 31 -36.74 4.29 -2.19
N HIS C 32 -35.90 4.39 -1.17
CA HIS C 32 -35.63 3.28 -0.26
C HIS C 32 -35.33 3.84 1.11
N LYS C 33 -35.80 3.15 2.15
CA LYS C 33 -35.61 3.58 3.53
C LYS C 33 -34.43 2.81 4.12
N ASN C 34 -33.44 3.56 4.61
CA ASN C 34 -32.23 2.98 5.18
C ASN C 34 -31.81 3.79 6.39
N LYS C 35 -30.97 3.19 7.23
CA LYS C 35 -30.48 3.86 8.42
C LYS C 35 -29.56 5.02 8.05
N THR C 36 -29.68 6.11 8.80
CA THR C 36 -28.88 7.31 8.58
C THR C 36 -28.24 7.73 9.89
N PHE C 37 -26.95 8.04 9.85
CA PHE C 37 -26.19 8.44 11.03
C PHE C 37 -25.82 9.92 10.91
N PHE C 38 -26.17 10.70 11.92
CA PHE C 38 -25.93 12.15 11.92
C PHE C 38 -24.60 12.43 12.62
N ALA C 39 -23.55 12.61 11.84
CA ALA C 39 -22.26 12.99 12.41
C ALA C 39 -22.32 14.39 13.02
N LEU C 40 -22.99 15.32 12.34
CA LEU C 40 -23.24 16.65 12.86
C LEU C 40 -24.69 17.02 12.56
N ASP C 41 -25.26 17.88 13.39
CA ASP C 41 -26.67 18.25 13.25
C ASP C 41 -26.84 19.71 13.66
N ASP C 42 -27.01 20.58 12.67
CA ASP C 42 -27.40 21.98 12.87
C ASP C 42 -26.41 22.71 13.78
N ILE C 43 -25.19 22.85 13.28
CA ILE C 43 -24.11 23.55 13.98
C ILE C 43 -23.95 24.92 13.33
N SER C 44 -24.01 25.97 14.16
CA SER C 44 -23.87 27.34 13.70
C SER C 44 -23.01 28.12 14.68
N LEU C 45 -21.86 28.62 14.21
CA LEU C 45 -20.99 29.43 15.04
C LEU C 45 -20.28 30.45 14.15
N LYS C 46 -20.10 31.65 14.70
CA LYS C 46 -19.45 32.75 13.98
C LYS C 46 -18.13 33.07 14.67
N ALA C 47 -17.05 33.07 13.90
CA ALA C 47 -15.71 33.31 14.41
C ALA C 47 -15.18 34.63 13.86
N TYR C 48 -14.69 35.48 14.75
CA TYR C 48 -14.15 36.77 14.36
C TYR C 48 -12.63 36.71 14.25
N GLU C 49 -12.06 37.74 13.64
CA GLU C 49 -10.62 37.75 13.38
C GLU C 49 -9.84 37.84 14.69
N GLY C 50 -8.77 37.05 14.77
CA GLY C 50 -7.93 37.03 15.95
C GLY C 50 -8.44 36.18 17.09
N ASP C 51 -9.49 35.38 16.88
CA ASP C 51 -10.09 34.57 17.93
C ASP C 51 -9.54 33.15 17.85
N VAL C 52 -8.93 32.69 18.94
CA VAL C 52 -8.41 31.33 19.04
C VAL C 52 -9.49 30.49 19.70
N ILE C 53 -9.88 29.40 19.04
CA ILE C 53 -11.01 28.57 19.47
C ILE C 53 -10.51 27.16 19.72
N GLY C 54 -10.88 26.60 20.87
CA GLY C 54 -10.55 25.24 21.22
C GLY C 54 -11.79 24.36 21.21
N LEU C 55 -11.70 23.22 20.55
CA LEU C 55 -12.79 22.27 20.44
C LEU C 55 -12.57 21.13 21.44
N VAL C 56 -13.55 20.89 22.30
CA VAL C 56 -13.45 19.89 23.35
C VAL C 56 -14.67 18.97 23.28
N GLY C 57 -14.46 17.69 23.56
CA GLY C 57 -15.55 16.74 23.58
C GLY C 57 -15.02 15.33 23.80
N ILE C 58 -15.96 14.42 23.98
CA ILE C 58 -15.63 13.00 24.20
C ILE C 58 -15.38 12.33 22.84
N ASN C 59 -14.88 11.10 22.88
CA ASN C 59 -14.59 10.36 21.65
C ASN C 59 -15.85 10.19 20.81
N GLY C 60 -15.71 10.43 19.51
CA GLY C 60 -16.84 10.33 18.61
C GLY C 60 -17.80 11.48 18.63
N SER C 61 -17.39 12.64 19.17
CA SER C 61 -18.31 13.77 19.28
C SER C 61 -18.56 14.43 17.92
N GLY C 62 -17.53 14.50 17.08
CA GLY C 62 -17.68 15.17 15.80
C GLY C 62 -16.80 16.39 15.64
N LYS C 63 -15.62 16.37 16.28
CA LYS C 63 -14.71 17.50 16.17
C LYS C 63 -13.90 17.47 14.89
N SER C 64 -13.40 16.29 14.50
CA SER C 64 -12.63 16.18 13.28
C SER C 64 -13.48 16.43 12.05
N THR C 65 -14.75 16.03 12.08
CA THR C 65 -15.65 16.33 10.96
C THR C 65 -15.83 17.84 10.79
N LEU C 66 -16.01 18.56 11.91
CA LEU C 66 -16.12 20.00 11.85
C LEU C 66 -14.84 20.65 11.33
N SER C 67 -13.69 20.16 11.81
CA SER C 67 -12.42 20.72 11.36
C SER C 67 -12.19 20.47 9.88
N ASN C 68 -12.59 19.30 9.38
CA ASN C 68 -12.43 19.01 7.96
C ASN C 68 -13.41 19.82 7.12
N ILE C 69 -14.62 20.06 7.62
CA ILE C 69 -15.57 20.91 6.91
C ILE C 69 -15.03 22.33 6.82
N ILE C 70 -14.47 22.85 7.91
CA ILE C 70 -13.89 24.19 7.89
C ILE C 70 -12.68 24.25 6.96
N GLY C 71 -11.84 23.21 6.98
CA GLY C 71 -10.64 23.21 6.17
C GLY C 71 -10.88 22.97 4.70
N GLY C 72 -12.11 22.62 4.31
CA GLY C 72 -12.48 22.46 2.92
C GLY C 72 -12.29 21.07 2.37
N SER C 73 -11.70 20.15 3.14
CA SER C 73 -11.50 18.80 2.64
C SER C 73 -12.82 18.05 2.49
N LEU C 74 -13.79 18.35 3.34
CA LEU C 74 -15.06 17.66 3.36
C LEU C 74 -16.18 18.64 3.05
N SER C 75 -17.29 18.13 2.53
CA SER C 75 -18.41 18.96 2.11
C SER C 75 -19.65 18.66 2.94
N PRO C 76 -20.31 19.67 3.49
CA PRO C 76 -21.52 19.42 4.27
C PRO C 76 -22.66 18.91 3.41
N THR C 77 -23.52 18.09 4.01
CA THR C 77 -24.71 17.63 3.29
C THR C 77 -25.72 18.77 3.12
N VAL C 78 -25.90 19.59 4.15
CA VAL C 78 -26.82 20.71 4.12
C VAL C 78 -26.14 21.90 4.79
N GLY C 79 -26.26 23.07 4.16
CA GLY C 79 -25.65 24.28 4.69
C GLY C 79 -24.41 24.70 3.93
N LYS C 80 -23.87 25.84 4.33
CA LYS C 80 -22.73 26.44 3.65
C LYS C 80 -21.75 26.98 4.67
N VAL C 81 -20.50 27.08 4.25
CA VAL C 81 -19.44 27.67 5.06
C VAL C 81 -18.89 28.88 4.32
N ASP C 82 -19.05 30.06 4.91
CA ASP C 82 -18.56 31.30 4.34
C ASP C 82 -17.30 31.73 5.08
N ARG C 83 -16.19 31.81 4.35
CA ARG C 83 -14.90 32.14 4.94
C ARG C 83 -14.16 33.12 4.05
N ASN C 84 -13.22 33.83 4.64
CA ASN C 84 -12.32 34.73 3.91
C ASN C 84 -10.88 34.40 4.28
N GLY C 85 -9.97 34.58 3.34
CA GLY C 85 -8.58 34.25 3.56
C GLY C 85 -8.29 32.77 3.30
N GLU C 86 -7.00 32.47 3.14
CA GLU C 86 -6.59 31.11 2.89
C GLU C 86 -6.60 30.29 4.17
N VAL C 87 -6.73 28.97 4.01
CA VAL C 87 -6.78 28.03 5.12
C VAL C 87 -5.64 27.04 4.98
N SER C 88 -4.92 26.80 6.09
CA SER C 88 -3.85 25.83 6.13
C SER C 88 -4.06 24.89 7.30
N VAL C 89 -3.69 23.63 7.12
CA VAL C 89 -3.86 22.59 8.13
C VAL C 89 -2.48 22.05 8.47
N ILE C 90 -2.26 21.78 9.76
CA ILE C 90 -0.98 21.24 10.23
C ILE C 90 -1.12 19.73 10.34
N ALA C 91 -0.45 19.00 9.45
CA ALA C 91 -0.43 17.55 9.44
C ALA C 91 0.94 17.09 8.96
N ILE C 92 1.64 16.32 9.80
CA ILE C 92 3.05 16.04 9.53
C ILE C 92 3.20 14.79 8.66
N SER C 93 2.20 13.91 8.66
CA SER C 93 2.37 12.63 7.99
C SER C 93 1.91 12.68 6.54
N ALA C 94 1.42 13.84 6.09
CA ALA C 94 0.74 13.91 4.80
C ALA C 94 1.68 13.59 3.64
N GLY C 95 2.82 14.27 3.57
CA GLY C 95 3.67 14.19 2.39
C GLY C 95 5.01 13.51 2.54
N LEU C 96 5.23 12.70 3.58
CA LEU C 96 6.51 12.05 3.80
C LEU C 96 6.47 10.62 3.27
N SER C 97 7.43 10.30 2.41
CA SER C 97 7.56 8.98 1.80
C SER C 97 8.83 8.33 2.29
N GLY C 98 8.75 7.05 2.65
CA GLY C 98 9.90 6.37 3.22
C GLY C 98 11.04 6.20 2.23
N GLN C 99 10.71 5.98 0.96
CA GLN C 99 11.75 5.73 -0.05
C GLN C 99 12.57 6.99 -0.31
N LEU C 100 11.92 8.15 -0.35
CA LEU C 100 12.64 9.39 -0.61
C LEU C 100 13.43 9.83 0.62
N THR C 101 14.59 10.43 0.38
CA THR C 101 15.41 10.95 1.46
C THR C 101 14.79 12.22 2.03
N GLY C 102 15.43 12.75 3.08
CA GLY C 102 14.92 13.96 3.71
C GLY C 102 14.93 15.16 2.78
N ILE C 103 16.02 15.34 2.04
CA ILE C 103 16.12 16.47 1.11
C ILE C 103 15.07 16.35 0.02
N GLU C 104 14.88 15.15 -0.53
CA GLU C 104 13.86 14.95 -1.54
C GLU C 104 12.46 15.13 -0.97
N ASN C 105 12.26 14.69 0.27
CA ASN C 105 10.94 14.80 0.89
C ASN C 105 10.58 16.26 1.14
N ILE C 106 11.55 17.09 1.49
CA ILE C 106 11.28 18.52 1.64
C ILE C 106 10.71 19.10 0.35
N GLU C 107 11.39 18.85 -0.77
CA GLU C 107 10.93 19.39 -2.04
C GLU C 107 9.58 18.80 -2.44
N PHE C 108 9.40 17.49 -2.23
CA PHE C 108 8.14 16.84 -2.58
C PHE C 108 6.97 17.44 -1.83
N LYS C 109 7.10 17.57 -0.50
CA LYS C 109 6.02 18.12 0.30
C LYS C 109 5.77 19.59 -0.01
N MET C 110 6.84 20.37 -0.20
CA MET C 110 6.66 21.80 -0.49
C MET C 110 6.03 22.00 -1.87
N LEU C 111 6.30 21.09 -2.82
CA LEU C 111 5.68 21.20 -4.14
C LEU C 111 4.20 20.82 -4.08
N CYS C 112 3.87 19.71 -3.39
CA CYS C 112 2.47 19.34 -3.25
C CYS C 112 1.71 20.37 -2.42
N MET C 113 2.43 21.14 -1.59
CA MET C 113 1.78 22.08 -0.69
C MET C 113 1.30 23.32 -1.41
N GLY C 114 2.04 23.77 -2.43
CA GLY C 114 1.61 24.91 -3.22
C GLY C 114 2.63 26.01 -3.38
N PHE C 115 3.89 25.73 -3.09
CA PHE C 115 4.95 26.73 -3.18
C PHE C 115 5.68 26.65 -4.52
N LYS C 116 6.09 27.81 -5.02
CA LYS C 116 6.88 27.87 -6.25
C LYS C 116 8.32 27.44 -5.98
N ARG C 117 9.04 27.15 -7.07
CA ARG C 117 10.39 26.61 -6.94
C ARG C 117 11.34 27.60 -6.28
N LYS C 118 11.23 28.88 -6.64
CA LYS C 118 12.16 29.88 -6.12
C LYS C 118 12.02 30.04 -4.61
N GLU C 119 10.79 29.98 -4.11
CA GLU C 119 10.59 30.05 -2.66
C GLU C 119 11.17 28.82 -1.97
N ILE C 120 10.99 27.64 -2.56
CA ILE C 120 11.49 26.41 -1.95
C ILE C 120 13.02 26.45 -1.84
N LYS C 121 13.68 26.92 -2.90
CA LYS C 121 15.14 26.99 -2.88
C LYS C 121 15.63 27.88 -1.75
N ALA C 122 14.89 28.94 -1.43
CA ALA C 122 15.29 29.82 -0.34
C ALA C 122 14.98 29.21 1.03
N MET C 123 13.82 28.55 1.16
CA MET C 123 13.39 28.12 2.49
C MET C 123 14.03 26.79 2.90
N THR C 124 14.64 26.07 1.97
CA THR C 124 15.22 24.77 2.32
C THR C 124 16.29 24.84 3.42
N PRO C 125 17.30 25.73 3.37
CA PRO C 125 18.31 25.70 4.43
C PRO C 125 17.77 25.96 5.82
N LYS C 126 16.76 26.83 5.96
CA LYS C 126 16.17 27.09 7.26
C LYS C 126 15.49 25.86 7.82
N ILE C 127 14.79 25.11 6.96
CA ILE C 127 14.17 23.85 7.40
C ILE C 127 15.25 22.86 7.84
N ILE C 128 16.33 22.77 7.07
CA ILE C 128 17.40 21.83 7.42
C ILE C 128 18.01 22.18 8.76
N GLU C 129 18.25 23.48 9.00
CA GLU C 129 18.82 23.90 10.27
C GLU C 129 17.85 23.70 11.44
N PHE C 130 16.56 23.94 11.22
CA PHE C 130 15.57 23.79 12.29
C PHE C 130 15.37 22.34 12.68
N SER C 131 15.39 21.43 11.71
CA SER C 131 15.09 20.02 12.00
C SER C 131 16.14 19.40 12.92
N GLU C 132 17.40 19.82 12.79
CA GLU C 132 18.51 19.32 13.60
C GLU C 132 18.74 17.82 13.39
N LEU C 133 18.50 17.33 12.17
CA LEU C 133 18.76 15.91 11.89
C LEU C 133 20.24 15.63 11.77
N GLY C 134 20.98 16.52 11.10
CA GLY C 134 22.42 16.36 10.99
C GLY C 134 22.80 15.62 9.71
N GLU C 135 23.66 14.62 9.84
CA GLU C 135 24.10 13.85 8.68
C GLU C 135 22.97 13.00 8.11
N PHE C 136 22.00 12.62 8.94
CA PHE C 136 20.93 11.73 8.52
C PHE C 136 19.94 12.38 7.56
N ILE C 137 20.11 13.65 7.21
CA ILE C 137 19.20 14.30 6.28
C ILE C 137 19.36 13.71 4.88
N TYR C 138 20.50 13.06 4.61
CA TYR C 138 20.73 12.47 3.30
C TYR C 138 20.25 11.02 3.25
N GLN C 139 20.04 10.41 4.42
CA GLN C 139 19.59 9.03 4.48
C GLN C 139 18.10 8.95 4.16
N PRO C 140 17.61 7.80 3.69
CA PRO C 140 16.17 7.66 3.46
C PRO C 140 15.37 7.76 4.75
N VAL C 141 14.13 8.21 4.61
CA VAL C 141 13.29 8.47 5.78
C VAL C 141 12.92 7.16 6.48
N LYS C 142 12.88 6.06 5.74
CA LYS C 142 12.54 4.77 6.35
C LYS C 142 13.56 4.37 7.41
N LYS C 143 14.76 4.96 7.37
CA LYS C 143 15.77 4.64 8.37
C LYS C 143 15.60 5.49 9.63
N TYR C 144 14.74 6.51 9.57
CA TYR C 144 14.59 7.42 10.69
C TYR C 144 13.85 6.76 11.84
N SER C 145 14.11 7.25 13.05
CA SER C 145 13.27 6.95 14.18
C SER C 145 11.96 7.74 14.10
N SER C 146 11.01 7.40 14.96
CA SER C 146 9.71 8.08 14.94
C SER C 146 9.85 9.55 15.30
N GLY C 147 10.68 9.87 16.30
CA GLY C 147 10.84 11.26 16.71
C GLY C 147 11.48 12.11 15.63
N MET C 148 12.49 11.56 14.95
CA MET C 148 13.16 12.32 13.89
C MET C 148 12.21 12.59 12.73
N ARG C 149 11.39 11.59 12.37
CA ARG C 149 10.40 11.78 11.31
C ARG C 149 9.38 12.83 11.70
N ALA C 150 8.90 12.80 12.94
CA ALA C 150 7.96 13.80 13.40
C ALA C 150 8.57 15.20 13.39
N LYS C 151 9.83 15.32 13.79
CA LYS C 151 10.49 16.61 13.78
C LYS C 151 10.64 17.15 12.37
N LEU C 152 11.01 16.29 11.42
CA LEU C 152 11.10 16.73 10.03
C LEU C 152 9.75 17.19 9.49
N GLY C 153 8.69 16.42 9.78
CA GLY C 153 7.37 16.83 9.35
C GLY C 153 6.95 18.17 9.93
N PHE C 154 7.19 18.38 11.23
CA PHE C 154 6.85 19.64 11.86
C PHE C 154 7.64 20.80 11.25
N SER C 155 8.93 20.58 10.99
CA SER C 155 9.76 21.63 10.40
C SER C 155 9.24 22.02 9.02
N ILE C 156 8.85 21.03 8.21
CA ILE C 156 8.30 21.37 6.89
C ILE C 156 6.97 22.09 7.03
N ASN C 157 6.12 21.65 7.97
CA ASN C 157 4.76 22.19 8.03
C ASN C 157 4.71 23.58 8.62
N ILE C 158 5.69 23.94 9.47
CA ILE C 158 5.59 25.21 10.19
C ILE C 158 5.81 26.41 9.27
N THR C 159 6.13 26.18 8.00
CA THR C 159 6.51 27.29 7.13
C THR C 159 5.28 28.01 6.56
N VAL C 160 4.08 27.46 6.75
CA VAL C 160 2.90 28.06 6.17
C VAL C 160 2.59 29.39 6.84
N ASN C 161 1.90 30.27 6.10
CA ASN C 161 1.44 31.55 6.62
C ASN C 161 0.03 31.80 6.07
N PRO C 162 -0.98 31.23 6.71
CA PRO C 162 -2.36 31.41 6.24
C PRO C 162 -3.07 32.54 6.96
N ASP C 163 -4.29 32.82 6.50
CA ASP C 163 -5.19 33.68 7.25
C ASP C 163 -5.91 32.91 8.34
N ILE C 164 -6.29 31.66 8.06
CA ILE C 164 -6.95 30.78 9.01
C ILE C 164 -6.11 29.52 9.14
N LEU C 165 -5.85 29.10 10.38
CA LEU C 165 -5.01 27.95 10.66
C LEU C 165 -5.79 26.94 11.48
N VAL C 166 -5.65 25.66 11.12
CA VAL C 166 -6.27 24.55 11.84
C VAL C 166 -5.17 23.62 12.32
N ILE C 167 -5.16 23.32 13.62
CA ILE C 167 -4.19 22.42 14.24
C ILE C 167 -4.97 21.27 14.87
N ASP C 168 -4.35 20.09 14.90
CA ASP C 168 -4.99 18.89 15.44
C ASP C 168 -3.93 18.08 16.18
N GLU C 169 -3.84 18.30 17.49
CA GLU C 169 -2.98 17.51 18.38
C GLU C 169 -1.53 17.51 17.91
N ALA C 170 -1.04 18.69 17.50
CA ALA C 170 0.33 18.84 17.01
C ALA C 170 0.99 20.10 17.55
N LEU C 171 0.71 20.48 18.80
CA LEU C 171 1.31 21.70 19.35
C LEU C 171 2.81 21.53 19.57
N SER C 172 3.24 20.36 20.03
CA SER C 172 4.65 20.10 20.30
C SER C 172 5.02 18.73 19.76
N VAL C 173 6.30 18.59 19.40
CA VAL C 173 6.82 17.37 18.80
C VAL C 173 8.21 17.10 19.36
N GLY C 174 8.49 15.83 19.65
CA GLY C 174 9.80 15.43 20.09
C GLY C 174 9.98 15.49 21.60
N ASP C 175 11.22 15.29 22.01
CA ASP C 175 11.57 15.26 23.42
C ASP C 175 11.50 16.66 24.03
N GLN C 176 11.88 16.75 25.30
CA GLN C 176 11.76 18.01 26.03
C GLN C 176 12.64 19.10 25.45
N THR C 177 13.78 18.72 24.86
CA THR C 177 14.69 19.72 24.32
C THR C 177 14.18 20.35 23.03
N PHE C 178 13.12 19.79 22.42
CA PHE C 178 12.61 20.31 21.16
C PHE C 178 11.23 20.93 21.26
N ALA C 179 10.49 20.66 22.34
CA ALA C 179 9.11 21.14 22.43
C ALA C 179 9.03 22.65 22.59
N GLN C 180 10.00 23.27 23.27
CA GLN C 180 9.95 24.70 23.51
C GLN C 180 9.99 25.50 22.21
N LYS C 181 10.83 25.07 21.26
CA LYS C 181 10.89 25.76 19.98
C LYS C 181 9.55 25.70 19.25
N CYS C 182 8.91 24.54 19.26
CA CYS C 182 7.59 24.41 18.64
C CYS C 182 6.58 25.31 19.32
N LEU C 183 6.64 25.39 20.66
CA LEU C 183 5.70 26.25 21.38
C LEU C 183 5.90 27.72 21.02
N ASP C 184 7.17 28.17 20.93
CA ASP C 184 7.41 29.55 20.53
C ASP C 184 6.95 29.82 19.10
N LYS C 185 7.19 28.87 18.19
CA LYS C 185 6.73 29.03 16.81
C LYS C 185 5.22 29.12 16.74
N ILE C 186 4.51 28.29 17.52
CA ILE C 186 3.06 28.33 17.54
C ILE C 186 2.56 29.65 18.11
N TYR C 187 3.19 30.14 19.18
CA TYR C 187 2.78 31.40 19.78
C TYR C 187 2.97 32.56 18.80
N GLU C 188 4.05 32.51 18.00
CA GLU C 188 4.28 33.54 17.00
C GLU C 188 3.07 33.73 16.10
N PHE C 189 2.37 32.63 15.78
CA PHE C 189 1.13 32.73 15.02
C PHE C 189 0.07 33.50 15.79
N LYS C 190 -0.01 33.28 17.11
CA LYS C 190 -0.99 34.01 17.93
C LYS C 190 -0.70 35.50 17.95
N GLU C 191 0.57 35.89 18.04
CA GLU C 191 0.87 37.32 18.09
C GLU C 191 0.60 38.05 16.78
N GLN C 192 0.35 37.33 15.68
CA GLN C 192 0.07 37.96 14.40
C GLN C 192 -1.41 38.08 14.09
N ASN C 193 -2.29 37.77 15.06
CA ASN C 193 -3.74 37.94 14.92
C ASN C 193 -4.30 37.10 13.77
N LYS C 194 -4.12 35.78 13.87
CA LYS C 194 -4.73 34.83 12.94
C LYS C 194 -5.73 33.96 13.68
N THR C 195 -6.85 33.67 13.01
CA THR C 195 -7.86 32.79 13.58
C THR C 195 -7.34 31.35 13.61
N ILE C 196 -7.39 30.73 14.78
CA ILE C 196 -6.83 29.40 14.99
C ILE C 196 -7.88 28.50 15.62
N PHE C 197 -8.05 27.30 15.08
CA PHE C 197 -8.91 26.27 15.64
C PHE C 197 -8.04 25.15 16.18
N PHE C 198 -8.18 24.87 17.48
CA PHE C 198 -7.35 23.88 18.16
C PHE C 198 -8.22 22.73 18.65
N VAL C 199 -7.85 21.51 18.26
CA VAL C 199 -8.59 20.31 18.64
C VAL C 199 -7.62 19.41 19.41
N SER C 200 -7.91 19.21 20.69
CA SER C 200 -7.05 18.37 21.53
C SER C 200 -7.81 17.96 22.78
N HIS C 201 -7.32 16.92 23.43
CA HIS C 201 -7.82 16.45 24.72
C HIS C 201 -7.03 16.98 25.89
N ASN C 202 -5.98 17.76 25.65
CA ASN C 202 -5.11 18.28 26.70
C ASN C 202 -5.70 19.59 27.22
N LEU C 203 -6.23 19.57 28.45
CA LEU C 203 -6.89 20.75 28.98
C LEU C 203 -5.89 21.81 29.43
N GLY C 204 -4.69 21.41 29.86
CA GLY C 204 -3.69 22.40 30.26
C GLY C 204 -3.25 23.27 29.10
N GLN C 205 -2.95 22.64 27.95
CA GLN C 205 -2.56 23.41 26.77
C GLN C 205 -3.71 24.27 26.27
N VAL C 206 -4.94 23.75 26.33
CA VAL C 206 -6.10 24.52 25.91
C VAL C 206 -6.27 25.75 26.79
N ARG C 207 -6.10 25.59 28.10
CA ARG C 207 -6.20 26.73 29.02
C ARG C 207 -5.09 27.73 28.76
N GLN C 208 -3.87 27.25 28.49
CA GLN C 208 -2.76 28.17 28.28
C GLN C 208 -2.87 28.93 26.97
N PHE C 209 -3.41 28.30 25.92
CA PHE C 209 -3.30 28.82 24.56
C PHE C 209 -4.59 29.42 24.02
N CYS C 210 -5.75 28.81 24.29
CA CYS C 210 -6.98 29.19 23.61
C CYS C 210 -7.62 30.43 24.24
N THR C 211 -8.59 30.98 23.51
CA THR C 211 -9.35 32.15 23.94
C THR C 211 -10.84 31.87 24.11
N LYS C 212 -11.44 31.14 23.18
CA LYS C 212 -12.84 30.73 23.27
C LYS C 212 -12.94 29.22 23.14
N ILE C 213 -14.02 28.66 23.67
CA ILE C 213 -14.20 27.21 23.75
C ILE C 213 -15.53 26.84 23.12
N ALA C 214 -15.51 25.79 22.29
CA ALA C 214 -16.72 25.21 21.72
C ALA C 214 -16.82 23.77 22.16
N TRP C 215 -17.95 23.42 22.78
CA TRP C 215 -18.17 22.10 23.36
C TRP C 215 -19.15 21.34 22.48
N ILE C 216 -18.74 20.17 22.01
CA ILE C 216 -19.52 19.36 21.08
C ILE C 216 -19.84 18.03 21.76
N GLU C 217 -21.14 17.73 21.90
CA GLU C 217 -21.60 16.48 22.50
C GLU C 217 -22.65 15.86 21.60
N GLY C 218 -22.39 14.63 21.16
CA GLY C 218 -23.35 13.90 20.34
C GLY C 218 -23.69 14.56 19.02
N GLY C 219 -22.70 15.16 18.36
CA GLY C 219 -22.92 15.77 17.07
C GLY C 219 -23.59 17.13 17.11
N LYS C 220 -23.81 17.70 18.29
CA LYS C 220 -24.42 19.01 18.44
C LYS C 220 -23.56 19.87 19.34
N LEU C 221 -23.72 21.19 19.20
CA LEU C 221 -22.93 22.16 19.94
C LEU C 221 -23.65 22.49 21.25
N LYS C 222 -23.08 22.05 22.37
CA LYS C 222 -23.70 22.29 23.67
C LYS C 222 -23.61 23.76 24.06
N ASP C 223 -22.43 24.35 23.92
CA ASP C 223 -22.22 25.72 24.39
C ASP C 223 -21.12 26.37 23.57
N TYR C 224 -21.21 27.70 23.45
CA TYR C 224 -20.22 28.50 22.75
C TYR C 224 -20.04 29.80 23.50
N GLY C 225 -18.80 30.11 23.88
CA GLY C 225 -18.54 31.33 24.63
C GLY C 225 -17.10 31.39 25.09
N GLU C 226 -16.86 32.25 26.07
CA GLU C 226 -15.51 32.47 26.58
C GLU C 226 -14.99 31.22 27.29
N LEU C 227 -13.66 31.12 27.35
CA LEU C 227 -13.03 29.98 28.01
C LEU C 227 -13.38 29.93 29.49
N ASP C 228 -13.36 31.08 30.17
CA ASP C 228 -13.57 31.13 31.60
C ASP C 228 -14.96 30.65 32.00
N ASP C 229 -15.94 30.78 31.09
CA ASP C 229 -17.30 30.38 31.40
C ASP C 229 -17.65 28.98 30.93
N VAL C 230 -16.97 28.47 29.90
CA VAL C 230 -17.31 27.20 29.30
C VAL C 230 -16.44 26.07 29.82
N LEU C 231 -15.12 26.28 29.92
CA LEU C 231 -14.23 25.20 30.36
C LEU C 231 -14.58 24.66 31.74
N PRO C 232 -14.92 25.46 32.75
CA PRO C 232 -15.33 24.87 34.03
C PRO C 232 -16.51 23.93 33.91
N LYS C 233 -17.48 24.21 33.04
CA LYS C 233 -18.60 23.30 32.87
C LYS C 233 -18.15 21.95 32.32
N TYR C 234 -17.25 21.97 31.32
CA TYR C 234 -16.75 20.73 30.76
C TYR C 234 -15.96 19.94 31.81
N GLU C 235 -15.14 20.63 32.59
CA GLU C 235 -14.37 19.94 33.63
C GLU C 235 -15.30 19.35 34.69
N ALA C 236 -16.35 20.08 35.07
CA ALA C 236 -17.30 19.55 36.04
C ALA C 236 -18.02 18.32 35.51
N PHE C 237 -18.41 18.35 34.24
CA PHE C 237 -19.07 17.18 33.65
C PHE C 237 -18.12 15.99 33.61
N LEU C 238 -16.86 16.22 33.26
CA LEU C 238 -15.88 15.14 33.25
C LEU C 238 -15.69 14.54 34.64
N ASN C 239 -15.62 15.41 35.67
CA ASN C 239 -15.50 14.91 37.03
C ASN C 239 -16.74 14.13 37.46
N ASP C 240 -17.92 14.61 37.06
CA ASP C 240 -19.15 13.92 37.40
C ASP C 240 -19.21 12.53 36.77
N PHE C 241 -18.76 12.41 35.52
CA PHE C 241 -18.84 11.13 34.82
C PHE C 241 -18.09 10.03 35.56
N LYS C 242 -17.02 10.37 36.26
CA LYS C 242 -16.24 9.35 36.95
C LYS C 242 -16.98 8.75 38.13
N LYS C 243 -17.84 9.54 38.80
CA LYS C 243 -18.54 9.05 39.98
C LYS C 243 -19.70 8.12 39.63
N LYS C 244 -20.18 8.16 38.39
CA LYS C 244 -21.33 7.36 38.01
C LYS C 244 -20.97 5.89 37.93
N SER C 245 -21.96 5.04 38.21
CA SER C 245 -21.78 3.60 38.10
C SER C 245 -21.77 3.17 36.63
N LYS C 246 -21.36 1.92 36.41
CA LYS C 246 -21.22 1.42 35.04
C LYS C 246 -22.57 1.41 34.31
N ALA C 247 -23.63 1.00 35.01
CA ALA C 247 -24.95 0.97 34.39
C ALA C 247 -25.40 2.37 33.97
N GLU C 248 -25.14 3.37 34.82
CA GLU C 248 -25.51 4.74 34.47
C GLU C 248 -24.71 5.26 33.29
N GLN C 249 -23.42 4.92 33.22
CA GLN C 249 -22.61 5.30 32.06
C GLN C 249 -23.15 4.66 30.79
N LYS C 250 -23.50 3.38 30.86
CA LYS C 250 -24.07 2.71 29.69
C LYS C 250 -25.39 3.35 29.27
N GLU C 251 -26.22 3.71 30.24
CA GLU C 251 -27.49 4.37 29.93
C GLU C 251 -27.26 5.72 29.26
N PHE C 252 -26.29 6.49 29.77
CA PHE C 252 -25.99 7.78 29.17
C PHE C 252 -25.51 7.61 27.73
N ARG C 253 -24.62 6.64 27.50
CA ARG C 253 -24.12 6.42 26.14
C ARG C 253 -25.25 5.96 25.21
N ASN C 254 -26.13 5.09 25.70
CA ASN C 254 -27.24 4.62 24.87
C ASN C 254 -28.19 5.77 24.53
N LYS C 255 -28.48 6.64 25.51
CA LYS C 255 -29.33 7.79 25.24
C LYS C 255 -28.68 8.73 24.24
N LEU C 256 -27.37 8.92 24.33
CA LEU C 256 -26.66 9.77 23.37
C LEU C 256 -26.73 9.17 21.97
N ASP C 257 -26.53 7.87 21.85
CA ASP C 257 -26.49 7.23 20.54
C ASP C 257 -27.88 7.02 19.94
N GLU C 258 -28.94 7.05 20.76
CA GLU C 258 -30.28 6.84 20.21
C GLU C 258 -30.69 7.95 19.27
N SER C 259 -30.36 9.21 19.61
CA SER C 259 -30.80 10.33 18.78
C SER C 259 -30.03 10.41 17.46
N ARG C 260 -28.77 9.97 17.45
CA ARG C 260 -27.97 10.07 16.23
C ARG C 260 -28.48 9.14 15.15
N PHE C 261 -28.82 7.90 15.50
CA PHE C 261 -29.26 6.92 14.52
C PHE C 261 -30.75 7.12 14.22
N VAL C 262 -31.08 7.33 12.95
CA VAL C 262 -32.46 7.54 12.52
C VAL C 262 -32.69 6.71 11.26
N ILE C 263 -33.96 6.45 10.97
CA ILE C 263 -34.38 5.73 9.78
C ILE C 263 -35.15 6.70 8.88
N LYS C 264 -34.76 6.76 7.61
CA LYS C 264 -35.36 7.69 6.66
C LYS C 264 -35.03 7.31 5.22
N MET D 25 -18.87 23.80 -20.82
CA MET D 25 -17.75 24.49 -21.43
C MET D 25 -16.77 25.00 -20.37
N SER D 26 -17.27 25.20 -19.16
CA SER D 26 -16.40 25.61 -18.07
C SER D 26 -15.50 24.48 -17.61
N ALA D 27 -15.94 23.23 -17.75
CA ALA D 27 -15.11 22.09 -17.37
C ALA D 27 -13.84 22.02 -18.19
N ILE D 28 -13.97 22.15 -19.52
CA ILE D 28 -12.82 22.09 -20.40
C ILE D 28 -11.87 23.24 -20.08
N GLY D 29 -12.41 24.45 -19.89
CA GLY D 29 -11.55 25.57 -19.56
C GLY D 29 -10.80 25.37 -18.26
N THR D 30 -11.48 24.86 -17.23
CA THR D 30 -10.82 24.65 -15.94
C THR D 30 -9.71 23.62 -16.04
N VAL D 31 -9.98 22.48 -16.69
CA VAL D 31 -8.95 21.44 -16.79
C VAL D 31 -7.78 21.92 -17.64
N PHE D 32 -8.07 22.60 -18.75
CA PHE D 32 -7.02 23.11 -19.61
C PHE D 32 -6.14 24.11 -18.87
N LYS D 33 -6.77 25.03 -18.12
CA LYS D 33 -6.00 26.01 -17.36
C LYS D 33 -5.12 25.34 -16.31
N GLU D 34 -5.67 24.35 -15.60
CA GLU D 34 -4.89 23.66 -14.59
C GLU D 34 -3.66 23.00 -15.20
N HIS D 35 -3.84 22.31 -16.33
CA HIS D 35 -2.70 21.62 -16.93
C HIS D 35 -1.65 22.60 -17.46
N VAL D 36 -2.10 23.65 -18.17
CA VAL D 36 -1.14 24.58 -18.75
C VAL D 36 -0.43 25.41 -17.69
N LYS D 37 -1.01 25.55 -16.49
CA LYS D 37 -0.30 26.22 -15.42
C LYS D 37 0.59 25.30 -14.59
N ASN D 38 0.28 24.00 -14.53
CA ASN D 38 1.03 23.08 -13.68
C ASN D 38 1.86 22.07 -14.46
N PHE D 39 2.17 22.37 -15.73
CA PHE D 39 3.19 21.64 -16.48
C PHE D 39 4.43 21.27 -15.67
N TYR D 40 5.08 22.27 -15.05
CA TYR D 40 6.33 22.02 -14.34
C TYR D 40 6.13 21.11 -13.14
N LEU D 41 5.04 21.32 -12.39
CA LEU D 41 4.73 20.45 -11.27
C LEU D 41 4.49 19.02 -11.75
N ILE D 42 3.85 18.86 -12.91
CA ILE D 42 3.64 17.55 -13.48
C ILE D 42 4.96 16.85 -13.74
N GLN D 43 5.91 17.57 -14.37
CA GLN D 43 7.21 16.97 -14.66
C GLN D 43 7.95 16.58 -13.39
N ARG D 44 7.97 17.47 -12.40
CA ARG D 44 8.71 17.19 -11.17
C ARG D 44 8.12 16.00 -10.42
N LEU D 45 6.79 15.96 -10.30
CA LEU D 45 6.16 14.84 -9.61
C LEU D 45 6.35 13.53 -10.37
N ALA D 46 6.37 13.58 -11.71
CA ALA D 46 6.65 12.37 -12.48
C ALA D 46 8.05 11.85 -12.20
N GLN D 47 9.04 12.74 -12.15
CA GLN D 47 10.39 12.32 -11.82
C GLN D 47 10.47 11.71 -10.42
N PHE D 48 9.78 12.34 -9.45
CA PHE D 48 9.78 11.80 -8.10
C PHE D 48 9.14 10.43 -8.04
N GLN D 49 8.04 10.22 -8.78
CA GLN D 49 7.41 8.90 -8.79
C GLN D 49 8.31 7.85 -9.42
N VAL D 50 8.99 8.21 -10.51
CA VAL D 50 9.94 7.27 -11.13
C VAL D 50 11.02 6.89 -10.12
N LYS D 51 11.51 7.86 -9.35
CA LYS D 51 12.51 7.56 -8.32
C LYS D 51 11.93 6.65 -7.24
N ILE D 52 10.67 6.88 -6.85
CA ILE D 52 10.06 6.10 -5.78
C ILE D 52 9.89 4.64 -6.19
N ILE D 53 9.46 4.39 -7.44
CA ILE D 53 9.06 3.04 -7.83
C ILE D 53 10.25 2.08 -7.78
N ASN D 54 11.42 2.51 -8.27
CA ASN D 54 12.59 1.64 -8.41
C ASN D 54 13.63 1.89 -7.31
N HIS D 55 13.20 2.12 -6.07
CA HIS D 55 14.15 2.51 -5.03
C HIS D 55 15.02 1.33 -4.60
N SER D 56 14.41 0.16 -4.38
CA SER D 56 15.14 -0.93 -3.74
C SER D 56 15.94 -1.79 -4.70
N ASN D 57 15.76 -1.62 -6.01
CA ASN D 57 16.50 -2.42 -6.97
C ASN D 57 17.97 -2.03 -7.00
N TYR D 58 18.85 -3.01 -7.16
CA TYR D 58 20.28 -2.73 -7.27
C TYR D 58 20.58 -1.92 -8.53
N LEU D 59 19.95 -2.26 -9.65
CA LEU D 59 20.21 -1.57 -10.90
C LEU D 59 19.51 -0.23 -11.00
N GLY D 60 18.51 0.02 -10.17
CA GLY D 60 17.88 1.34 -10.12
C GLY D 60 16.85 1.51 -11.23
N VAL D 61 16.96 2.61 -11.97
CA VAL D 61 16.00 2.96 -13.01
C VAL D 61 16.25 2.24 -14.32
N ALA D 62 17.29 1.39 -14.40
CA ALA D 62 17.56 0.67 -15.63
C ALA D 62 16.49 -0.37 -15.94
N TRP D 63 15.67 -0.75 -14.96
CA TRP D 63 14.67 -1.77 -15.21
C TRP D 63 13.56 -1.27 -16.12
N GLU D 64 13.31 0.04 -16.12
CA GLU D 64 12.32 0.64 -17.01
C GLU D 64 12.63 0.35 -18.48
N LEU D 65 13.89 0.10 -18.80
CA LEU D 65 14.28 -0.31 -20.14
C LEU D 65 14.61 -1.79 -20.23
N ILE D 66 15.04 -2.41 -19.14
CA ILE D 66 15.39 -3.83 -19.19
C ILE D 66 14.15 -4.70 -19.38
N ASN D 67 13.06 -4.40 -18.67
CA ASN D 67 11.87 -5.23 -18.75
C ASN D 67 11.25 -5.27 -20.15
N PRO D 68 11.00 -4.13 -20.82
CA PRO D 68 10.45 -4.21 -22.18
C PRO D 68 11.31 -4.97 -23.15
N VAL D 69 12.64 -4.91 -23.01
CA VAL D 69 13.52 -5.65 -23.92
C VAL D 69 13.31 -7.15 -23.77
N MET D 70 13.23 -7.63 -22.53
CA MET D 70 13.00 -9.07 -22.32
C MET D 70 11.62 -9.48 -22.83
N GLN D 71 10.60 -8.65 -22.59
CA GLN D 71 9.28 -8.98 -23.10
C GLN D 71 9.26 -9.03 -24.63
N ILE D 72 9.96 -8.10 -25.27
CA ILE D 72 10.03 -8.09 -26.73
C ILE D 72 10.78 -9.31 -27.24
N MET D 73 11.84 -9.72 -26.53
CA MET D 73 12.55 -10.93 -26.91
C MET D 73 11.62 -12.14 -26.88
N VAL D 74 10.84 -12.27 -25.82
CA VAL D 74 9.89 -13.39 -25.71
C VAL D 74 8.86 -13.33 -26.83
N TYR D 75 8.33 -12.14 -27.10
CA TYR D 75 7.31 -11.99 -28.14
C TYR D 75 7.87 -12.35 -29.52
N TRP D 76 9.11 -11.95 -29.79
CA TRP D 76 9.72 -12.29 -31.07
C TRP D 76 10.00 -13.79 -31.18
N MET D 77 10.41 -14.41 -30.06
CA MET D 77 10.64 -15.85 -30.08
C MET D 77 9.36 -16.61 -30.37
N VAL D 78 8.23 -16.16 -29.82
CA VAL D 78 6.97 -16.88 -29.99
C VAL D 78 6.34 -16.57 -31.34
N PHE D 79 6.08 -15.28 -31.61
CA PHE D 79 5.31 -14.87 -32.78
C PHE D 79 6.16 -14.65 -34.02
N GLY D 80 7.48 -14.71 -33.91
CA GLY D 80 8.34 -14.47 -35.05
C GLY D 80 8.95 -15.71 -35.65
N LEU D 81 9.40 -16.62 -34.78
CA LEU D 81 10.03 -17.86 -35.24
C LEU D 81 9.03 -19.01 -35.36
N GLY D 82 8.01 -19.04 -34.51
CA GLY D 82 7.04 -20.12 -34.56
C GLY D 82 6.03 -19.99 -35.68
N ILE D 83 5.33 -18.85 -35.73
CA ILE D 83 4.23 -18.70 -36.68
C ILE D 83 4.74 -18.58 -38.11
N ARG D 84 5.79 -17.77 -38.33
CA ARG D 84 6.23 -17.47 -39.69
C ARG D 84 7.69 -17.77 -39.97
N SER D 85 8.45 -18.27 -38.99
CA SER D 85 9.87 -18.58 -39.16
C SER D 85 10.67 -17.38 -39.63
N ASN D 86 10.34 -16.19 -39.09
CA ASN D 86 11.10 -14.97 -39.32
C ASN D 86 11.13 -14.58 -40.80
N ALA D 87 10.00 -14.69 -41.46
CA ALA D 87 9.93 -14.23 -42.85
C ALA D 87 9.83 -12.71 -42.90
N PRO D 88 10.54 -12.06 -43.80
CA PRO D 88 10.48 -10.60 -43.89
C PRO D 88 9.11 -10.11 -44.32
N ILE D 89 8.77 -8.90 -43.86
CA ILE D 89 7.51 -8.25 -44.22
C ILE D 89 7.83 -6.94 -44.94
N HIS D 90 7.31 -6.79 -46.16
CA HIS D 90 7.50 -5.59 -46.97
C HIS D 90 8.97 -5.30 -47.24
N GLY D 91 9.80 -6.34 -47.26
CA GLY D 91 11.22 -6.18 -47.47
C GLY D 91 12.03 -5.85 -46.24
N VAL D 92 11.40 -5.65 -45.10
CA VAL D 92 12.10 -5.35 -43.85
C VAL D 92 12.16 -6.63 -43.03
N PRO D 93 13.27 -6.93 -42.35
CA PRO D 93 13.29 -8.09 -41.46
C PRO D 93 12.24 -7.97 -40.37
N PHE D 94 11.66 -9.10 -40.00
CA PHE D 94 10.54 -9.10 -39.08
C PHE D 94 10.92 -8.55 -37.71
N VAL D 95 12.19 -8.71 -37.31
CA VAL D 95 12.60 -8.28 -35.98
C VAL D 95 12.43 -6.77 -35.83
N TYR D 96 12.89 -6.00 -36.83
CA TYR D 96 12.77 -4.55 -36.77
C TYR D 96 11.33 -4.10 -36.96
N TRP D 97 10.57 -4.81 -37.80
CA TRP D 97 9.15 -4.52 -37.96
C TRP D 97 8.42 -4.62 -36.63
N LEU D 98 8.62 -5.72 -35.91
CA LEU D 98 8.03 -5.88 -34.59
C LEU D 98 8.56 -4.84 -33.61
N LEU D 99 9.87 -4.57 -33.66
CA LEU D 99 10.48 -3.62 -32.73
C LEU D 99 9.83 -2.25 -32.85
N VAL D 100 9.66 -1.77 -34.08
CA VAL D 100 9.01 -0.48 -34.29
C VAL D 100 7.53 -0.55 -33.92
N GLY D 101 6.88 -1.68 -34.22
CA GLY D 101 5.46 -1.79 -33.95
C GLY D 101 5.11 -1.84 -32.48
N ILE D 102 5.95 -2.50 -31.68
CA ILE D 102 5.61 -2.81 -30.28
C ILE D 102 6.25 -1.84 -29.29
N SER D 103 7.05 -0.88 -29.76
CA SER D 103 7.74 0.03 -28.84
C SER D 103 6.78 0.91 -28.07
N MET D 104 5.52 1.02 -28.50
CA MET D 104 4.56 1.91 -27.89
C MET D 104 3.61 1.20 -26.92
N TRP D 105 3.46 -0.12 -27.04
CA TRP D 105 2.39 -0.81 -26.31
C TRP D 105 2.60 -0.77 -24.81
N PHE D 106 3.85 -0.90 -24.35
CA PHE D 106 4.09 -0.94 -22.91
C PHE D 106 3.69 0.38 -22.25
N PHE D 107 3.97 1.50 -22.90
CA PHE D 107 3.57 2.79 -22.36
C PHE D 107 2.05 2.86 -22.20
N ILE D 108 1.30 2.52 -23.25
CA ILE D 108 -0.15 2.63 -23.20
C ILE D 108 -0.71 1.70 -22.14
N ASN D 109 -0.24 0.45 -22.12
CA ASN D 109 -0.75 -0.53 -21.16
C ASN D 109 -0.49 -0.09 -19.73
N GLN D 110 0.76 0.26 -19.40
CA GLN D 110 1.08 0.64 -18.04
C GLN D 110 0.38 1.93 -17.63
N GLY D 111 0.31 2.91 -18.54
CA GLY D 111 -0.34 4.16 -18.20
C GLY D 111 -1.81 3.99 -17.91
N ILE D 112 -2.51 3.24 -18.77
CA ILE D 112 -3.94 3.06 -18.57
C ILE D 112 -4.21 2.21 -17.33
N LEU D 113 -3.36 1.20 -17.07
CA LEU D 113 -3.56 0.37 -15.89
C LEU D 113 -3.30 1.14 -14.60
N GLU D 114 -2.17 1.83 -14.52
CA GLU D 114 -1.79 2.48 -13.26
C GLU D 114 -2.55 3.76 -13.01
N GLY D 115 -2.84 4.53 -14.05
CA GLY D 115 -3.52 5.80 -13.84
C GLY D 115 -4.99 5.70 -13.52
N THR D 116 -5.58 4.52 -13.68
CA THR D 116 -6.98 4.33 -13.30
C THR D 116 -7.15 4.36 -11.78
N LYS D 117 -6.13 3.92 -11.04
CA LYS D 117 -6.14 3.94 -9.59
C LYS D 117 -5.39 5.13 -9.01
N ALA D 118 -5.10 6.15 -9.83
CA ALA D 118 -4.30 7.27 -9.34
C ALA D 118 -5.02 8.07 -8.27
N ILE D 119 -6.28 8.46 -8.55
CA ILE D 119 -7.01 9.30 -7.61
C ILE D 119 -7.34 8.53 -6.34
N THR D 120 -7.64 7.23 -6.46
CA THR D 120 -7.99 6.44 -5.29
C THR D 120 -6.82 6.37 -4.30
N GLN D 121 -5.60 6.20 -4.80
CA GLN D 121 -4.46 6.04 -3.91
C GLN D 121 -3.86 7.37 -3.47
N LYS D 122 -3.88 8.38 -4.34
CA LYS D 122 -3.16 9.62 -4.08
C LYS D 122 -4.04 10.75 -3.57
N PHE D 123 -5.32 10.49 -3.27
CA PHE D 123 -6.20 11.55 -2.80
C PHE D 123 -5.93 11.91 -1.34
N ASN D 124 -5.57 10.93 -0.51
CA ASN D 124 -5.42 11.18 0.93
C ASN D 124 -4.32 12.19 1.21
N GLN D 125 -3.19 12.07 0.52
CA GLN D 125 -2.06 12.95 0.80
C GLN D 125 -2.36 14.40 0.47
N VAL D 126 -3.05 14.64 -0.66
CA VAL D 126 -3.27 15.99 -1.15
C VAL D 126 -4.70 16.47 -0.90
N SER D 127 -5.48 15.74 -0.10
CA SER D 127 -6.86 16.17 0.17
C SER D 127 -6.90 17.47 0.95
N LYS D 128 -6.03 17.63 1.94
CA LYS D 128 -6.05 18.79 2.83
C LYS D 128 -5.14 19.92 2.37
N MET D 129 -4.49 19.77 1.21
CA MET D 129 -3.70 20.84 0.61
C MET D 129 -4.40 21.34 -0.64
N ASN D 130 -4.35 22.65 -0.87
CA ASN D 130 -4.93 23.22 -2.08
C ASN D 130 -4.16 22.74 -3.31
N PHE D 131 -4.76 21.80 -4.05
CA PHE D 131 -4.10 21.11 -5.13
C PHE D 131 -5.03 21.02 -6.32
N PRO D 132 -4.51 21.20 -7.55
CA PRO D 132 -5.33 20.93 -8.73
C PRO D 132 -5.52 19.43 -8.93
N LEU D 133 -6.72 18.93 -8.65
CA LEU D 133 -6.94 17.50 -8.58
C LEU D 133 -6.97 16.82 -9.94
N SER D 134 -7.00 17.59 -11.04
CA SER D 134 -7.12 16.99 -12.36
C SER D 134 -5.78 16.59 -12.96
N ILE D 135 -4.67 16.87 -12.29
CA ILE D 135 -3.35 16.55 -12.81
C ILE D 135 -2.75 15.30 -12.18
N ILE D 136 -3.49 14.62 -11.31
CA ILE D 136 -2.95 13.42 -10.66
C ILE D 136 -2.67 12.30 -11.67
N PRO D 137 -3.59 11.94 -12.57
CA PRO D 137 -3.25 10.88 -13.55
C PRO D 137 -2.18 11.29 -14.56
N THR D 138 -2.04 12.58 -14.86
CA THR D 138 -1.15 13.00 -15.94
C THR D 138 0.31 12.71 -15.60
N TYR D 139 0.73 12.95 -14.37
CA TYR D 139 2.12 12.66 -14.03
C TYR D 139 2.36 11.17 -13.85
N ILE D 140 1.33 10.40 -13.48
CA ILE D 140 1.42 8.95 -13.52
C ILE D 140 1.71 8.49 -14.95
N VAL D 141 1.04 9.11 -15.93
CA VAL D 141 1.28 8.75 -17.33
C VAL D 141 2.68 9.21 -17.78
N THR D 142 3.11 10.39 -17.33
CA THR D 142 4.43 10.89 -17.73
C THR D 142 5.55 9.98 -17.23
N SER D 143 5.36 9.40 -16.04
CA SER D 143 6.38 8.49 -15.50
C SER D 143 6.63 7.30 -16.41
N ARG D 144 5.69 6.96 -17.29
CA ARG D 144 5.90 5.92 -18.29
C ARG D 144 6.27 6.49 -19.66
N PHE D 145 5.83 7.72 -19.95
CA PHE D 145 6.26 8.39 -21.17
C PHE D 145 7.78 8.52 -21.23
N TYR D 146 8.43 8.71 -20.08
CA TYR D 146 9.89 8.77 -20.06
C TYR D 146 10.51 7.49 -20.63
N GLY D 147 10.08 6.33 -20.13
CA GLY D 147 10.60 5.08 -20.63
C GLY D 147 10.25 4.85 -22.09
N HIS D 148 9.05 5.29 -22.51
CA HIS D 148 8.70 5.17 -23.92
C HIS D 148 9.67 5.95 -24.80
N LEU D 149 10.02 7.18 -24.39
CA LEU D 149 10.97 7.97 -25.17
C LEU D 149 12.33 7.29 -25.24
N GLY D 150 12.80 6.76 -24.11
CA GLY D 150 14.07 6.03 -24.13
C GLY D 150 14.04 4.85 -25.09
N LEU D 151 12.96 4.06 -25.05
CA LEU D 151 12.85 2.90 -25.92
C LEU D 151 12.80 3.31 -27.39
N LEU D 152 12.10 4.41 -27.69
CA LEU D 152 12.04 4.89 -29.07
C LEU D 152 13.42 5.28 -29.58
N LEU D 153 14.20 5.98 -28.75
CA LEU D 153 15.56 6.34 -29.16
C LEU D 153 16.40 5.09 -29.42
N LEU D 154 16.30 4.10 -28.54
CA LEU D 154 17.05 2.86 -28.74
C LEU D 154 16.65 2.17 -30.03
N VAL D 155 15.35 2.13 -30.32
CA VAL D 155 14.86 1.48 -31.54
C VAL D 155 15.39 2.19 -32.77
N ILE D 156 15.37 3.52 -32.76
CA ILE D 156 15.87 4.28 -33.92
C ILE D 156 17.35 4.01 -34.13
N ILE D 157 18.13 3.97 -33.05
CA ILE D 157 19.57 3.70 -33.18
C ILE D 157 19.80 2.30 -33.75
N ALA D 158 19.04 1.31 -33.28
CA ALA D 158 19.19 -0.05 -33.80
C ALA D 158 18.85 -0.12 -35.28
N CYS D 159 17.75 0.52 -35.70
CA CYS D 159 17.39 0.53 -37.11
C CYS D 159 18.46 1.21 -37.95
N MET D 160 19.06 2.28 -37.42
CA MET D 160 20.19 2.90 -38.11
C MET D 160 21.35 1.93 -38.25
N PHE D 161 21.64 1.16 -37.20
CA PHE D 161 22.69 0.15 -37.28
C PHE D 161 22.39 -0.90 -38.34
N THR D 162 21.10 -1.19 -38.58
CA THR D 162 20.75 -2.17 -39.61
C THR D 162 21.21 -1.73 -40.99
N GLY D 163 20.99 -0.47 -41.33
CA GLY D 163 21.26 0.01 -42.67
C GLY D 163 20.13 0.87 -43.20
N ILE D 164 19.16 1.17 -42.33
CA ILE D 164 18.04 2.05 -42.65
C ILE D 164 18.27 3.38 -41.93
N TYR D 165 18.42 4.45 -42.70
CA TYR D 165 18.83 5.72 -42.12
C TYR D 165 17.69 6.74 -42.19
N PRO D 166 17.64 7.68 -41.25
CA PRO D 166 16.53 8.65 -41.23
C PRO D 166 16.52 9.54 -42.45
N SER D 167 15.33 9.99 -42.82
CA SER D 167 15.15 10.93 -43.92
C SER D 167 14.27 12.09 -43.46
N ILE D 168 13.82 12.93 -44.40
CA ILE D 168 12.98 14.06 -44.05
C ILE D 168 11.63 13.62 -43.49
N HIS D 169 11.26 12.35 -43.67
CA HIS D 169 9.98 11.85 -43.17
C HIS D 169 10.00 11.55 -41.68
N ILE D 170 11.15 11.66 -41.03
CA ILE D 170 11.22 11.41 -39.60
C ILE D 170 10.59 12.54 -38.79
N ILE D 171 10.38 13.71 -39.40
CA ILE D 171 9.80 14.84 -38.68
C ILE D 171 8.32 14.67 -38.40
N GLN D 172 7.69 13.61 -38.92
CA GLN D 172 6.30 13.33 -38.59
C GLN D 172 6.14 12.88 -37.14
N LEU D 173 7.24 12.49 -36.49
CA LEU D 173 7.15 12.06 -35.10
C LEU D 173 6.72 13.21 -34.20
N LEU D 174 7.12 14.45 -34.51
CA LEU D 174 6.71 15.59 -33.71
C LEU D 174 5.20 15.75 -33.65
N ILE D 175 4.48 15.21 -34.63
CA ILE D 175 3.02 15.22 -34.63
C ILE D 175 2.45 13.91 -34.09
N TYR D 176 3.12 12.79 -34.36
CA TYR D 176 2.53 11.50 -34.01
C TYR D 176 2.75 11.12 -32.55
N VAL D 177 3.93 11.40 -31.99
CA VAL D 177 4.26 11.00 -30.63
C VAL D 177 3.36 11.71 -29.60
N PRO D 178 3.14 13.03 -29.69
CA PRO D 178 2.21 13.66 -28.73
C PRO D 178 0.80 13.10 -28.78
N PHE D 179 0.37 12.57 -29.94
CA PHE D 179 -0.98 12.04 -30.04
C PHE D 179 -1.18 10.83 -29.13
N CYS D 180 -0.18 9.95 -29.05
CA CYS D 180 -0.28 8.81 -28.15
C CYS D 180 -0.42 9.25 -26.71
N PHE D 181 0.38 10.24 -26.30
CA PHE D 181 0.30 10.75 -24.94
C PHE D 181 -1.06 11.37 -24.66
N PHE D 182 -1.60 12.13 -25.61
CA PHE D 182 -2.90 12.76 -25.39
C PHE D 182 -4.02 11.72 -25.30
N LEU D 183 -3.96 10.69 -26.15
CA LEU D 183 -4.95 9.61 -26.06
C LEU D 183 -4.89 8.93 -24.71
N THR D 184 -3.69 8.55 -24.27
CA THR D 184 -3.56 7.88 -22.98
C THR D 184 -4.04 8.77 -21.84
N ALA D 185 -3.68 10.06 -21.89
CA ALA D 185 -4.07 10.97 -20.83
C ALA D 185 -5.59 11.14 -20.76
N SER D 186 -6.26 11.27 -21.90
CA SER D 186 -7.71 11.42 -21.88
C SER D 186 -8.40 10.15 -21.38
N VAL D 187 -7.96 9.00 -21.86
CA VAL D 187 -8.57 7.74 -21.40
C VAL D 187 -8.39 7.59 -19.90
N THR D 188 -7.18 7.87 -19.40
CA THR D 188 -6.93 7.78 -17.97
C THR D 188 -7.75 8.80 -17.18
N LEU D 189 -7.92 10.00 -17.74
CA LEU D 189 -8.71 11.03 -17.07
C LEU D 189 -10.15 10.58 -16.86
N LEU D 190 -10.73 9.91 -17.86
CA LEU D 190 -12.08 9.38 -17.67
C LEU D 190 -12.09 8.20 -16.70
N THR D 191 -11.16 7.26 -16.87
CA THR D 191 -11.22 6.02 -16.10
C THR D 191 -10.89 6.23 -14.64
N SER D 192 -10.12 7.26 -14.29
CA SER D 192 -9.82 7.50 -12.88
C SER D 192 -11.10 7.89 -12.11
N THR D 193 -11.88 8.82 -12.67
CA THR D 193 -13.14 9.18 -12.04
C THR D 193 -14.10 8.00 -12.02
N LEU D 194 -14.18 7.25 -13.12
CA LEU D 194 -15.08 6.10 -13.13
C LEU D 194 -14.68 5.08 -12.07
N GLY D 195 -13.39 4.81 -11.93
CA GLY D 195 -12.94 3.88 -10.91
C GLY D 195 -13.16 4.38 -9.49
N VAL D 196 -13.04 5.67 -9.27
CA VAL D 196 -13.31 6.22 -7.94
C VAL D 196 -14.78 6.05 -7.58
N LEU D 197 -15.68 6.37 -8.52
CA LEU D 197 -17.10 6.24 -8.22
C LEU D 197 -17.50 4.78 -8.05
N VAL D 198 -17.14 3.92 -8.99
CA VAL D 198 -17.44 2.49 -8.93
C VAL D 198 -16.13 1.72 -9.08
N ARG D 199 -15.90 0.76 -8.19
CA ARG D 199 -14.63 0.06 -8.14
C ARG D 199 -14.57 -1.18 -9.04
N ASP D 200 -15.63 -1.50 -9.77
CA ASP D 200 -15.61 -2.63 -10.69
C ASP D 200 -14.89 -2.32 -12.00
N THR D 201 -14.76 -1.04 -12.34
CA THR D 201 -14.10 -0.65 -13.59
C THR D 201 -12.63 -1.05 -13.60
N GLN D 202 -11.97 -0.92 -12.45
CA GLN D 202 -10.55 -1.29 -12.37
C GLN D 202 -10.34 -2.76 -12.65
N MET D 203 -11.30 -3.61 -12.25
CA MET D 203 -11.22 -5.02 -12.57
C MET D 203 -11.61 -5.29 -14.02
N LEU D 204 -12.54 -4.49 -14.57
CA LEU D 204 -13.00 -4.71 -15.93
C LEU D 204 -12.01 -4.27 -16.99
N MET D 205 -11.06 -3.39 -16.66
CA MET D 205 -10.15 -2.84 -17.67
C MET D 205 -9.23 -3.89 -18.31
N GLN D 206 -8.94 -4.99 -17.62
CA GLN D 206 -7.94 -5.94 -18.12
C GLN D 206 -8.36 -6.60 -19.42
N ALA D 207 -9.61 -7.05 -19.51
CA ALA D 207 -10.08 -7.69 -20.73
C ALA D 207 -10.09 -6.73 -21.90
N ILE D 208 -10.46 -5.48 -21.66
CA ILE D 208 -10.46 -4.47 -22.72
C ILE D 208 -9.03 -4.22 -23.21
N LEU D 209 -8.08 -4.17 -22.29
CA LEU D 209 -6.69 -3.99 -22.70
C LEU D 209 -6.19 -5.16 -23.54
N ARG D 210 -6.57 -6.38 -23.15
CA ARG D 210 -6.19 -7.55 -23.94
C ARG D 210 -6.81 -7.49 -25.34
N ILE D 211 -8.08 -7.09 -25.43
CA ILE D 211 -8.74 -6.96 -26.72
C ILE D 211 -8.01 -5.96 -27.59
N LEU D 212 -7.64 -4.81 -27.02
CA LEU D 212 -6.90 -3.81 -27.78
C LEU D 212 -5.54 -4.34 -28.23
N PHE D 213 -4.89 -5.14 -27.40
CA PHE D 213 -3.59 -5.68 -27.78
C PHE D 213 -3.70 -6.65 -28.95
N TYR D 214 -4.60 -7.62 -28.87
CA TYR D 214 -4.59 -8.70 -29.85
C TYR D 214 -5.21 -8.28 -31.18
N PHE D 215 -6.13 -7.32 -31.19
CA PHE D 215 -6.76 -6.88 -32.43
C PHE D 215 -6.03 -5.63 -32.94
N SER D 216 -4.79 -5.84 -33.34
CA SER D 216 -3.92 -4.76 -33.81
C SER D 216 -2.80 -5.37 -34.64
N PRO D 217 -2.17 -4.58 -35.52
CA PRO D 217 -1.12 -5.14 -36.39
C PRO D 217 0.25 -5.20 -35.73
N ILE D 218 0.28 -5.14 -34.39
CA ILE D 218 1.55 -5.13 -33.68
C ILE D 218 2.32 -6.42 -33.93
N LEU D 219 1.64 -7.57 -33.90
CA LEU D 219 2.31 -8.86 -33.98
C LEU D 219 2.15 -9.54 -35.34
N TRP D 220 1.08 -9.26 -36.08
CA TRP D 220 0.80 -10.00 -37.30
C TRP D 220 0.01 -9.13 -38.26
N LEU D 221 0.02 -9.54 -39.53
CA LEU D 221 -0.81 -8.92 -40.57
C LEU D 221 -1.83 -9.95 -41.02
N PRO D 222 -3.10 -9.84 -40.59
CA PRO D 222 -4.07 -10.89 -40.92
C PRO D 222 -4.43 -10.97 -42.39
N LYS D 223 -4.09 -9.96 -43.20
CA LYS D 223 -4.45 -9.99 -44.62
C LYS D 223 -3.80 -11.17 -45.32
N ASN D 224 -2.52 -11.41 -45.08
CA ASN D 224 -1.82 -12.51 -45.74
C ASN D 224 -2.25 -13.85 -45.17
N HIS D 225 -2.30 -13.96 -43.84
CA HIS D 225 -2.54 -15.26 -43.20
C HIS D 225 -3.96 -15.74 -43.42
N GLY D 226 -4.95 -14.88 -43.18
CA GLY D 226 -6.34 -15.28 -43.28
C GLY D 226 -7.18 -14.34 -44.11
N ILE D 227 -8.49 -14.35 -43.90
CA ILE D 227 -9.38 -13.47 -44.65
C ILE D 227 -9.22 -12.04 -44.16
N SER D 228 -9.54 -11.09 -45.04
CA SER D 228 -9.42 -9.68 -44.73
C SER D 228 -10.73 -8.91 -44.81
N GLY D 229 -11.81 -9.55 -45.26
CA GLY D 229 -13.09 -8.85 -45.32
C GLY D 229 -13.64 -8.49 -43.96
N LEU D 230 -13.42 -9.33 -42.96
CA LEU D 230 -14.00 -9.14 -41.64
C LEU D 230 -12.98 -8.70 -40.59
N ILE D 231 -11.84 -9.39 -40.51
CA ILE D 231 -10.87 -9.08 -39.47
C ILE D 231 -10.26 -7.69 -39.68
N HIS D 232 -9.92 -7.35 -40.92
CA HIS D 232 -9.25 -6.09 -41.18
C HIS D 232 -10.15 -4.89 -40.93
N GLU D 233 -11.45 -5.01 -41.22
CA GLU D 233 -12.35 -3.88 -41.07
C GLU D 233 -12.49 -3.45 -39.61
N MET D 234 -12.56 -4.42 -38.70
CA MET D 234 -12.65 -4.08 -37.28
C MET D 234 -11.34 -3.46 -36.78
N MET D 235 -10.20 -3.92 -37.30
CA MET D 235 -8.91 -3.41 -36.85
C MET D 235 -8.78 -1.91 -37.10
N LYS D 236 -9.43 -1.40 -38.16
CA LYS D 236 -9.30 0.02 -38.50
C LYS D 236 -9.96 0.93 -37.47
N TYR D 237 -10.85 0.41 -36.64
CA TYR D 237 -11.47 1.19 -35.59
C TYR D 237 -10.63 1.24 -34.32
N ASN D 238 -9.49 0.55 -34.30
CA ASN D 238 -8.62 0.51 -33.12
C ASN D 238 -7.55 1.59 -33.25
N PRO D 239 -7.44 2.52 -32.30
CA PRO D 239 -6.40 3.56 -32.40
C PRO D 239 -4.98 3.03 -32.43
N VAL D 240 -4.74 1.87 -31.81
CA VAL D 240 -3.40 1.28 -31.80
C VAL D 240 -2.96 0.93 -33.21
N TYR D 241 -3.91 0.51 -34.06
CA TYR D 241 -3.61 0.29 -35.47
C TYR D 241 -3.02 1.54 -36.10
N PHE D 242 -3.69 2.67 -35.94
CA PHE D 242 -3.21 3.91 -36.54
C PHE D 242 -1.86 4.31 -35.98
N ILE D 243 -1.69 4.20 -34.66
CA ILE D 243 -0.43 4.64 -34.04
C ILE D 243 0.73 3.80 -34.55
N ALA D 244 0.57 2.48 -34.56
CA ALA D 244 1.64 1.60 -35.01
C ALA D 244 1.95 1.80 -36.49
N GLU D 245 0.91 1.93 -37.32
CA GLU D 245 1.15 2.14 -38.75
C GLU D 245 1.83 3.46 -39.02
N SER D 246 1.45 4.51 -38.30
CA SER D 246 2.10 5.81 -38.48
C SER D 246 3.56 5.77 -38.07
N TYR D 247 3.88 5.12 -36.94
CA TYR D 247 5.27 5.01 -36.54
C TYR D 247 6.07 4.23 -37.58
N ARG D 248 5.53 3.11 -38.07
CA ARG D 248 6.24 2.32 -39.07
C ARG D 248 6.46 3.12 -40.35
N ALA D 249 5.46 3.89 -40.78
CA ALA D 249 5.62 4.69 -41.99
C ALA D 249 6.66 5.79 -41.79
N ALA D 250 6.72 6.38 -40.60
CA ALA D 250 7.68 7.45 -40.36
C ALA D 250 9.11 6.92 -40.26
N ILE D 251 9.29 5.74 -39.68
CA ILE D 251 10.62 5.23 -39.38
C ILE D 251 11.11 4.26 -40.45
N LEU D 252 10.24 3.43 -41.02
CA LEU D 252 10.66 2.32 -41.87
C LEU D 252 10.34 2.53 -43.34
N TYR D 253 9.07 2.75 -43.69
CA TYR D 253 8.67 2.75 -45.09
C TYR D 253 8.99 4.06 -45.81
N HIS D 254 9.30 5.12 -45.07
CA HIS D 254 9.73 6.41 -45.63
C HIS D 254 8.66 6.97 -46.57
N GLU D 255 7.52 7.30 -45.98
CA GLU D 255 6.41 7.87 -46.74
C GLU D 255 5.61 8.81 -45.85
N TRP D 256 4.87 9.70 -46.48
CA TRP D 256 3.96 10.61 -45.77
C TRP D 256 2.66 9.86 -45.52
N TYR D 257 2.42 9.48 -44.26
CA TYR D 257 1.26 8.65 -43.94
C TYR D 257 -0.05 9.41 -44.08
N PHE D 258 -0.06 10.71 -43.79
CA PHE D 258 -1.30 11.47 -43.83
C PHE D 258 -1.80 11.73 -45.24
N MET D 259 -1.01 11.40 -46.26
CA MET D 259 -1.43 11.68 -47.63
C MET D 259 -2.61 10.82 -48.05
N ASP D 260 -2.63 9.56 -47.63
CA ASP D 260 -3.69 8.63 -48.03
C ASP D 260 -4.51 8.11 -46.86
N HIS D 261 -4.24 8.55 -45.64
CA HIS D 261 -4.96 8.08 -44.45
C HIS D 261 -5.36 9.24 -43.55
N TRP D 262 -5.94 10.29 -44.15
CA TRP D 262 -6.36 11.45 -43.38
C TRP D 262 -7.68 11.21 -42.65
N LYS D 263 -8.58 10.39 -43.22
CA LYS D 263 -9.85 10.11 -42.57
C LYS D 263 -9.64 9.39 -41.24
N LEU D 264 -8.67 8.47 -41.19
CA LEU D 264 -8.34 7.79 -39.94
C LEU D 264 -7.85 8.79 -38.91
N MET D 265 -7.02 9.75 -39.34
CA MET D 265 -6.54 10.78 -38.42
C MET D 265 -7.70 11.61 -37.87
N LEU D 266 -8.63 12.01 -38.73
CA LEU D 266 -9.78 12.78 -38.26
C LEU D 266 -10.63 11.99 -37.27
N TYR D 267 -10.85 10.71 -37.56
CA TYR D 267 -11.63 9.88 -36.66
C TYR D 267 -10.96 9.74 -35.29
N ASN D 268 -9.62 9.56 -35.29
CA ASN D 268 -8.91 9.44 -34.04
C ASN D 268 -8.93 10.76 -33.25
N PHE D 269 -8.81 11.89 -33.95
CA PHE D 269 -8.91 13.17 -33.26
C PHE D 269 -10.28 13.36 -32.64
N GLY D 270 -11.34 12.97 -33.35
CA GLY D 270 -12.67 13.03 -32.78
C GLY D 270 -12.83 12.16 -31.56
N ILE D 271 -12.24 10.96 -31.58
CA ILE D 271 -12.28 10.08 -30.42
C ILE D 271 -11.60 10.75 -29.23
N VAL D 272 -10.44 11.36 -29.47
CA VAL D 272 -9.71 12.02 -28.39
C VAL D 272 -10.54 13.16 -27.80
N ALA D 273 -11.16 13.97 -28.67
CA ALA D 273 -11.98 15.08 -28.19
C ALA D 273 -13.16 14.59 -27.35
N ILE D 274 -13.84 13.54 -27.81
CA ILE D 274 -14.98 13.01 -27.08
C ILE D 274 -14.56 12.53 -25.70
N PHE D 275 -13.46 11.76 -25.64
CA PHE D 275 -12.99 11.26 -24.35
C PHE D 275 -12.63 12.39 -23.40
N PHE D 276 -11.92 13.41 -23.91
CA PHE D 276 -11.53 14.53 -23.07
C PHE D 276 -12.75 15.27 -22.53
N ALA D 277 -13.73 15.52 -23.38
CA ALA D 277 -14.92 16.26 -22.94
C ALA D 277 -15.68 15.49 -21.86
N ILE D 278 -15.89 14.19 -22.09
CA ILE D 278 -16.65 13.40 -21.10
C ILE D 278 -15.90 13.34 -19.78
N GLY D 279 -14.59 13.09 -19.83
CA GLY D 279 -13.81 13.03 -18.60
C GLY D 279 -13.82 14.34 -17.83
N ALA D 280 -13.67 15.46 -18.55
CA ALA D 280 -13.68 16.76 -17.89
C ALA D 280 -15.02 17.03 -17.23
N TYR D 281 -16.12 16.71 -17.92
CA TYR D 281 -17.44 16.95 -17.33
C TYR D 281 -17.62 16.12 -16.06
N LEU D 282 -17.27 14.84 -16.10
CA LEU D 282 -17.44 13.99 -14.92
C LEU D 282 -16.55 14.47 -13.76
N HIS D 283 -15.29 14.78 -14.06
CA HIS D 283 -14.37 15.23 -13.01
C HIS D 283 -14.85 16.51 -12.37
N MET D 284 -15.32 17.48 -13.16
CA MET D 284 -15.85 18.70 -12.58
C MET D 284 -17.12 18.45 -11.77
N LYS D 285 -17.93 17.47 -12.17
CA LYS D 285 -19.14 17.19 -11.42
C LYS D 285 -18.84 16.60 -10.06
N TYR D 286 -17.89 15.66 -9.97
CA TYR D 286 -17.75 14.86 -8.77
C TYR D 286 -16.44 15.07 -8.01
N ARG D 287 -15.79 16.24 -8.14
CA ARG D 287 -14.55 16.40 -7.40
C ARG D 287 -14.77 16.68 -5.92
N ASP D 288 -15.84 17.42 -5.57
CA ASP D 288 -16.01 17.83 -4.18
C ASP D 288 -16.48 16.69 -3.30
N GLN D 289 -17.05 15.64 -3.88
CA GLN D 289 -17.55 14.49 -3.14
C GLN D 289 -16.60 13.31 -3.16
N PHE D 290 -15.36 13.50 -3.62
CA PHE D 290 -14.42 12.39 -3.72
C PHE D 290 -14.08 11.78 -2.36
N ALA D 291 -14.34 12.50 -1.27
CA ALA D 291 -14.04 11.95 0.06
C ALA D 291 -15.06 10.88 0.46
N ASP D 292 -16.33 11.11 0.15
CA ASP D 292 -17.38 10.16 0.51
C ASP D 292 -17.21 8.83 -0.23
N PHE D 293 -16.90 8.89 -1.52
CA PHE D 293 -16.79 7.66 -2.30
C PHE D 293 -15.57 6.84 -1.92
N LEU D 294 -14.45 7.51 -1.61
CA LEU D 294 -13.24 6.82 -1.22
C LEU D 294 -13.41 6.13 0.13
C1 AV0 E . -2.70 -23.18 -40.02
O1 AV0 E . -2.14 -21.93 -40.09
C2 AV0 E . -3.52 -23.44 -41.29
O2 AV0 E . -4.89 -23.18 -41.08
C3 AV0 E . -3.37 -24.90 -41.66
O3 AV0 E . -4.19 -25.24 -42.75
C4 AV0 E . -1.93 -25.19 -42.04
O4 AV0 E . -1.82 -26.57 -42.19
C5 AV0 E . -0.98 -24.67 -40.93
O5 AV0 E . -1.70 -24.15 -39.82
C6 AV0 E . 0.02 -23.64 -41.42
O6 AV0 E . 0.46 -24.02 -42.72
CAA AV0 E . -7.17 -11.27 -34.14
CAB AV0 E . 5.19 -21.32 -29.51
OAI AV0 E . -0.45 -25.10 -46.60
OAJ AV0 E . -0.88 -21.61 -50.85
OAL AV0 E . -2.54 -20.94 -45.15
OAN AV0 E . 1.92 -20.19 -45.47
OAP AV0 E . 2.37 -20.35 -42.77
OAQ AV0 E . 2.27 -28.03 -45.51
OAR AV0 E . -1.52 -19.13 -51.27
OAS AV0 E . 1.84 -29.51 -43.18
OAT AV0 E . -1.26 -16.42 -50.01
OAU AV0 E . 0.20 -27.82 -41.15
OAV AV0 E . -2.76 -17.87 -47.19
CAW AV0 E . -6.83 -12.58 -34.83
CAX AV0 E . 5.07 -21.49 -31.02
CAY AV0 E . -6.02 -12.38 -36.11
CAZ AV0 E . 3.77 -22.16 -31.44
CBA AV0 E . -5.48 -13.69 -36.67
CBB AV0 E . 3.51 -22.08 -32.94
CBC AV0 E . -4.70 -13.50 -37.96
CBD AV0 E . 2.08 -22.46 -33.32
CBE AV0 E . -3.29 -14.08 -37.91
CBF AV0 E . 1.73 -22.05 -34.74
CBG AV0 E . -3.29 -15.58 -37.59
CBH AV0 E . 0.22 -21.92 -34.97
CBI AV0 E . -1.96 -16.24 -37.90
CBJ AV0 E . -0.12 -20.93 -36.08
CBK AV0 E . -2.07 -17.40 -38.86
CBL AV0 E . 0.02 -21.50 -37.49
CBM AV0 E . -0.41 -26.43 -46.15
CBN AV0 E . -0.27 -21.15 -49.66
CBP AV0 E . -2.29 -20.32 -43.91
CBQ AV0 E . -1.78 -18.74 -38.18
CBR AV0 E . 0.00 -20.43 -38.58
CBS AV0 E . -2.41 -21.04 -39.04
CBT AV0 E . -1.33 -19.51 -40.54
OBV AV0 E . -0.17 -19.99 -41.18
OBX AV0 E . -0.87 -18.65 -42.88
OBY AV0 E . -0.24 -26.12 -43.82
OBZ AV0 E . -0.59 -19.74 -47.79
OCB AV0 E . -0.21 -18.25 -46.06
CCC AV0 E . 0.52 -26.53 -44.96
CCD AV0 E . -1.09 -20.00 -49.10
CCF AV0 E . -1.38 -19.12 -44.14
CCH AV0 E . 1.11 -19.48 -44.56
CCJ AV0 E . 0.25 -19.26 -42.28
CCL AV0 E . 1.05 -20.17 -43.21
CCM AV0 E . -1.37 -19.93 -39.07
CCN AV0 E . 1.07 -27.94 -44.77
CCO AV0 E . -1.00 -18.76 -50.01
CCQ AV0 E . -0.27 -19.35 -45.18
CCR AV0 E . -0.96 -27.12 -43.18
CCS AV0 E . -0.39 -18.40 -47.44
CCT AV0 E . 1.29 -28.22 -43.29
CCU AV0 E . -1.75 -17.59 -49.40
CCV AV0 E . -0.01 -28.11 -42.51
CCW AV0 E . -1.58 -17.54 -47.88
C1 AV0 F . 25.30 -13.48 2.66
O1 AV0 F . 25.27 -12.49 1.71
C2 AV0 F . 26.71 -14.06 2.75
O2 AV0 F . 27.13 -14.61 1.52
C3 AV0 F . 26.66 -15.19 3.77
O3 AV0 F . 27.97 -15.68 4.03
C4 AV0 F . 26.04 -14.77 5.10
O4 AV0 F . 25.69 -15.96 5.76
C5 AV0 F . 24.78 -13.92 4.90
O5 AV0 F . 24.99 -12.94 3.90
C6 AV0 F . 24.36 -13.19 6.15
O6 AV0 F . 23.79 -14.13 7.04
CAA AV0 F . 20.96 -7.43 -10.29
CAB AV0 F . 18.98 -20.00 -6.67
OAI AV0 F . 29.30 -14.71 6.90
OAJ AV0 F . 23.84 -6.14 11.69
OAL AV0 F . 22.64 -6.38 4.30
OAN AV0 F . 27.17 -8.79 5.28
OAP AV0 F . 26.62 -10.39 3.01
OAQ AV0 F . 28.47 -17.60 10.14
OAR AV0 F . 27.40 -5.10 9.53
OAS AV0 F . 26.22 -19.07 9.33
OAT AV0 F . 24.33 -4.26 7.83
OAU AV0 F . 24.35 -16.94 7.81
OAV AV0 F . 27.17 -6.38 6.89
CAW AV0 F . 21.48 -7.70 -8.89
CAX AV0 F . 19.70 -19.73 -5.34
CAY AV0 F . 22.60 -8.73 -8.87
CAZ AV0 F . 20.55 -18.47 -5.37
CBA AV0 F . 23.01 -9.14 -7.45
CBB AV0 F . 21.10 -18.10 -4.00
CBC AV0 F . 23.57 -7.99 -6.63
CBD AV0 F . 21.94 -16.82 -4.02
CBE AV0 F . 24.39 -8.46 -5.43
CBF AV0 F . 22.26 -16.28 -2.63
CBG AV0 F . 23.56 -9.16 -4.36
CBH AV0 F . 21.07 -15.60 -1.97
CBI AV0 F . 24.39 -9.61 -3.15
CBJ AV0 F . 21.24 -14.08 -1.86
CBK AV0 F . 23.54 -10.10 -2.00
CBL AV0 F . 22.43 -13.67 -1.02
CBM AV0 F . 29.42 -15.72 7.87
CBN AV0 F . 23.93 -6.16 10.28
CBP AV0 F . 22.46 -7.41 5.25
CBQ AV0 F . 24.36 -10.68 -0.85
CBR AV0 F . 22.40 -12.20 -0.62
CBS AV0 F . 24.56 -12.79 0.52
CBT AV0 F . 23.21 -10.93 1.41
OBV AV0 F . 24.12 -9.91 1.76
OBX AV0 F . 23.46 -8.67 3.56
OBY AV0 F . 27.09 -15.50 7.56
OBZ AV0 F . 25.47 -7.38 8.97
OCB AV0 F . 24.98 -8.28 6.87
CCC AV0 F . 28.06 -15.94 8.51
CCD AV0 F . 25.39 -6.31 9.89
CCF AV0 F . 23.46 -8.50 4.97
CCH AV0 F . 25.88 -9.21 4.91
CCJ AV0 F . 24.29 -9.72 3.12
CCL AV0 F . 25.74 -9.37 3.41
CCM AV0 F . 23.63 -11.64 0.12
CCN AV0 F . 27.84 -17.40 8.91
CCO AV0 F . 26.00 -5.01 9.35
CCQ AV0 F . 24.88 -8.19 5.46
CCR AV0 F . 26.50 -16.50 6.77
CCS AV0 F . 24.97 -7.13 7.69
CCT AV0 F . 26.35 -17.71 8.97
CCU AV0 F . 25.65 -4.76 7.89
CCV AV0 F . 25.65 -17.42 7.64
CCW AV0 F . 25.82 -6.03 7.06
PG AGS G . 13.03 7.84 19.74
S1G AGS G . 12.54 8.63 21.45
O2G AGS G . 12.06 6.67 19.43
O3G AGS G . 12.89 8.92 18.64
PB AGS G . 14.82 5.80 19.52
O1B AGS G . 13.78 4.95 20.13
O2B AGS G . 16.22 5.57 20.11
O3B AGS G . 14.49 7.33 19.79
PA AGS G . 15.88 4.39 17.38
O1A AGS G . 16.38 3.51 18.44
O2A AGS G . 15.05 3.66 16.32
O3A AGS G . 14.93 5.53 17.96
O5' AGS G . 17.11 5.12 16.73
C5' AGS G . 18.43 4.54 16.77
C4' AGS G . 19.30 5.16 15.70
O4' AGS G . 19.49 4.22 14.62
C3' AGS G . 18.74 6.43 15.06
O3' AGS G . 19.78 7.37 14.81
C2' AGS G . 18.12 5.91 13.76
O2' AGS G . 18.14 6.91 12.75
C1' AGS G . 19.08 4.78 13.40
N9 AGS G . 18.47 3.73 12.60
C8 AGS G . 17.31 3.06 12.85
N7 AGS G . 17.00 2.16 11.95
C5 AGS G . 18.04 2.24 11.03
C6 AGS G . 18.31 1.55 9.83
N6 AGS G . 17.52 0.59 9.33
N1 AGS G . 19.43 1.89 9.15
C2 AGS G . 20.21 2.84 9.65
N3 AGS G . 20.06 3.56 10.76
C4 AGS G . 18.95 3.21 11.41
MG MG H . 11.30 4.78 19.18
PG AGS I . -11.93 11.78 18.43
S1G AGS I . -11.36 12.70 20.06
O2G AGS I . -11.01 12.19 17.25
O3G AGS I . -11.82 10.25 18.66
PB AGS I . -13.79 12.83 16.73
O1B AGS I . -12.74 13.80 16.34
O2B AGS I . -15.16 13.48 16.94
O3B AGS I . -13.40 12.16 18.11
PA AGS I . -14.97 11.94 14.39
O1A AGS I . -15.44 13.33 14.30
O2A AGS I . -14.21 11.48 13.14
O3A AGS I . -13.98 11.72 15.60
O5' AGS I . -16.22 11.01 14.66
C5' AGS I . -17.55 11.42 14.27
C4' AGS I . -18.44 10.20 14.19
O4' AGS I . -18.71 9.88 12.81
C3' AGS I . -17.88 8.93 14.82
O3' AGS I . -18.92 8.20 15.49
C2' AGS I . -17.34 8.16 13.62
O2' AGS I . -17.37 6.75 13.85
C1' AGS I . -18.33 8.55 12.53
N9 AGS I . -17.79 8.49 11.18
C8 AGS I . -16.63 9.07 10.73
N7 AGS I . -16.39 8.86 9.46
C5 AGS I . -17.46 8.07 9.05
C6 AGS I . -17.80 7.51 7.80
N6 AGS I . -17.05 7.64 6.70
N1 AGS I . -18.94 6.79 7.73
C2 AGS I . -19.68 6.66 8.82
N3 AGS I . -19.47 7.14 10.05
C4 AGS I . -18.33 7.85 10.10
MG MG J . -10.31 13.06 15.54
C1 AV0 K . -25.47 10.61 -8.27
O1 AV0 K . -25.45 9.26 -8.02
C2 AV0 K . -26.88 11.05 -8.63
O2 AV0 K . -27.37 10.38 -9.77
C3 AV0 K . -26.82 12.54 -8.96
O3 AV0 K . -28.12 13.06 -9.14
C4 AV0 K . -26.12 13.36 -7.87
O4 AV0 K . -25.76 14.59 -8.46
C5 AV0 K . -24.85 12.66 -7.34
O5 AV0 K . -25.09 11.29 -7.11
C6 AV0 K . -24.36 13.26 -6.04
O6 AV0 K . -23.78 14.51 -6.32
CAA AV0 K . -21.57 -3.54 -11.07
CAB AV0 K . -19.73 6.68 -19.27
OAI AV0 K . -29.29 14.86 -6.63
OAJ AV0 K . -23.43 13.64 2.88
OAL AV0 K . -22.57 7.74 -1.66
OAN AV0 K . -27.11 10.05 -2.85
OAP AV0 K . -26.69 9.11 -5.49
OAQ AV0 K . -28.39 19.17 -7.12
OAR AV0 K . -27.06 11.36 2.62
OAS AV0 K . -26.20 19.30 -8.90
OAT AV0 K . -24.05 9.41 2.19
OAU AV0 K . -24.36 16.78 -8.13
OAV AV0 K . -26.97 9.96 0.05
CAW AV0 K . -22.03 -2.23 -10.45
CAX AV0 K . -20.37 7.61 -18.25
CAY AV0 K . -23.18 -1.59 -11.22
CAZ AV0 K . -21.20 6.88 -17.21
CBA AV0 K . -23.54 -0.19 -10.72
CBB AV0 K . -21.68 7.78 -16.08
CBC AV0 K . -24.03 -0.18 -9.28
CBD AV0 K . -22.49 7.04 -15.01
CBE AV0 K . -24.81 1.09 -8.93
CBF AV0 K . -22.74 7.87 -13.76
CBG AV0 K . -23.94 2.35 -8.92
CBH AV0 K . -21.50 7.97 -12.87
CBI AV0 K . -24.73 3.61 -8.54
CBJ AV0 K . -21.63 7.18 -11.57
CBK AV0 K . -23.83 4.81 -8.31
CBL AV0 K . -22.78 7.66 -10.69
CBM AV0 K . -29.39 16.24 -6.87
CBN AV0 K . -23.58 12.51 2.05
CBP AV0 K . -22.38 9.11 -1.95
CBQ AV0 K . -24.62 6.10 -8.07
CBR AV0 K . -22.68 7.13 -9.26
CBS AV0 K . -24.80 8.46 -8.98
CBT AV0 K . -23.37 8.06 -7.02
OBV AV0 K . -24.24 7.77 -5.95
OBX AV0 K . -23.49 8.49 -3.92
OBY AV0 K . -27.08 15.81 -6.99
OBZ AV0 K . -25.21 12.19 0.36
OCB AV0 K . -24.83 10.99 -1.60
CCC AV0 K . -28.01 16.86 -6.74
CCD AV0 K . -25.06 12.32 1.76
CCF AV0 K . -23.41 9.54 -2.97
CCH AV0 K . -25.84 9.96 -3.46
CCJ AV0 K . -24.35 8.77 -5.00
CCL AV0 K . -25.77 8.83 -4.47
CCM AV0 K . -23.87 7.43 -8.33
CCN AV0 K . -27.81 18.03 -7.71
CCO AV0 K . -25.67 11.13 2.53
CCQ AV0 K . -24.79 9.80 -2.36
CCR AV0 K . -26.55 15.73 -8.28
CCS AV0 K . -24.77 10.99 -0.20
CCT AV0 K . -26.32 18.23 -7.99
CCU AV0 K . -25.38 9.78 1.88
CCV AV0 K . -25.68 16.96 -8.56
CCW AV0 K . -25.61 9.85 0.37
#